data_7UNL
#
_entry.id   7UNL
#
_cell.length_a   1.00
_cell.length_b   1.00
_cell.length_c   1.00
_cell.angle_alpha   90.00
_cell.angle_beta   90.00
_cell.angle_gamma   90.00
#
_symmetry.space_group_name_H-M   'P 1'
#
loop_
_entity.id
_entity.type
_entity.pdbx_description
1 polymer 'Endosomal/lysosomal potassium channel TMEM175'
2 non-polymer 'POTASSIUM ION'
3 water water
#
_entity_poly.entity_id   1
_entity_poly.type   'polypeptide(L)'
_entity_poly.pdbx_seq_one_letter_code
;MSQPRTPEQALDTPGDCPPGRRDEDAGEGIQCSQRMLSFSDALLSIIATVMILPVTHTEISPEQQFDRSVQRLLATRIAV
YLMTFLIVTVAWAAHTRLFQVVGKTDDTLALLNLACMMTITFLPYTFSLMVTFPDVPLGIFLFCVCVIAIGVVQALIVGY
AFHFPHLLSPQIQRSAHRALYRRHVLGIVLQGPALCFAAAIFSLFFVPLSYLLMVTVILLPYVSKVTGWCRDRLLGHREP
SAHPVEVFSFDLHEPLSKERVEAFSDGVYAIVATLLILDICEDNVPDPKDVKERFSGSLVAALSATGPRFLAYFGSFATV
GLLWFAHHSLFLHVRKATRAMGLLNTLSLAFVGGLPLAYQQTSAFARQPRDELERVRVSCTIIFLASIFQLAMWTTALLH
QAETLQPSVWFGGREHVLMFAKLALYPCASLLAFASTCLLSRFSVGIFHLMQIAVPCAFLLLRLLVGLALATLRVLRGLA
RPEHPPPAPTGQDDPQSQLLPAPC
;
_entity_poly.pdbx_strand_id   A,B
#
loop_
_chem_comp.id
_chem_comp.type
_chem_comp.name
_chem_comp.formula
K non-polymer 'POTASSIUM ION' 'K 1'
#
# COMPACT_ATOMS: atom_id res chain seq x y z
N ILE A 30 10.08 19.70 18.47
CA ILE A 30 8.98 19.96 17.56
C ILE A 30 9.43 19.71 16.13
N GLN A 31 8.53 19.14 15.32
CA GLN A 31 8.91 18.58 14.04
C GLN A 31 7.88 18.94 12.98
N CYS A 32 8.32 18.92 11.72
CA CYS A 32 7.39 19.00 10.59
C CYS A 32 6.54 17.73 10.53
N SER A 33 5.27 17.90 10.15
CA SER A 33 4.30 16.81 10.19
C SER A 33 4.11 16.08 8.87
N GLN A 34 4.83 16.47 7.81
CA GLN A 34 4.53 15.95 6.48
C GLN A 34 4.72 14.44 6.38
N ARG A 35 5.82 13.91 6.93
CA ARG A 35 6.06 12.48 6.78
C ARG A 35 5.05 11.67 7.58
N MET A 36 4.72 12.13 8.78
CA MET A 36 3.73 11.43 9.60
C MET A 36 2.38 11.39 8.90
N LEU A 37 1.96 12.51 8.30
CA LEU A 37 0.68 12.53 7.60
C LEU A 37 0.72 11.65 6.36
N SER A 38 1.86 11.60 5.65
CA SER A 38 1.97 10.69 4.52
C SER A 38 1.83 9.23 4.96
N PHE A 39 2.47 8.88 6.07
CA PHE A 39 2.35 7.53 6.62
C PHE A 39 0.90 7.22 6.99
N SER A 40 0.23 8.17 7.62
CA SER A 40 -1.17 7.99 7.98
C SER A 40 -2.04 7.80 6.74
N ASP A 41 -1.77 8.57 5.68
CA ASP A 41 -2.52 8.43 4.45
C ASP A 41 -2.32 7.04 3.84
N ALA A 42 -1.09 6.55 3.85
CA ALA A 42 -0.84 5.20 3.34
C ALA A 42 -1.61 4.15 4.13
N LEU A 43 -1.56 4.24 5.47
CA LEU A 43 -2.31 3.28 6.28
C LEU A 43 -3.80 3.36 5.99
N LEU A 44 -4.35 4.57 5.94
CA LEU A 44 -5.79 4.74 5.71
C LEU A 44 -6.19 4.21 4.34
N SER A 45 -5.35 4.44 3.33
CA SER A 45 -5.63 3.88 2.01
C SER A 45 -5.65 2.36 2.03
N ILE A 46 -4.73 1.75 2.77
CA ILE A 46 -4.77 0.29 2.88
C ILE A 46 -6.05 -0.16 3.57
N ILE A 47 -6.45 0.50 4.66
CA ILE A 47 -7.63 0.07 5.40
C ILE A 47 -8.90 0.29 4.59
N ALA A 48 -8.97 1.38 3.83
CA ALA A 48 -10.17 1.67 3.05
C ALA A 48 -10.42 0.62 1.97
N THR A 49 -9.39 -0.09 1.53
CA THR A 49 -9.50 -1.06 0.45
C THR A 49 -9.47 -2.50 0.94
N VAL A 50 -9.58 -2.75 2.25
CA VAL A 50 -9.46 -4.10 2.78
C VAL A 50 -10.58 -4.99 2.24
N MET A 51 -11.78 -4.44 2.15
CA MET A 51 -12.96 -5.22 1.79
C MET A 51 -13.12 -5.42 0.28
N ILE A 52 -12.11 -5.07 -0.52
CA ILE A 52 -12.17 -5.39 -1.94
C ILE A 52 -11.62 -6.78 -2.21
N LEU A 53 -10.69 -7.25 -1.37
CA LEU A 53 -10.12 -8.58 -1.54
C LEU A 53 -11.18 -9.67 -1.52
N PRO A 54 -12.15 -9.68 -0.60
CA PRO A 54 -13.22 -10.68 -0.69
C PRO A 54 -13.99 -10.62 -2.00
N VAL A 55 -14.18 -9.43 -2.55
CA VAL A 55 -14.91 -9.28 -3.81
C VAL A 55 -14.13 -9.91 -4.96
N THR A 56 -12.84 -9.59 -5.08
CA THR A 56 -12.04 -10.13 -6.17
C THR A 56 -11.67 -11.58 -5.96
N HIS A 57 -11.62 -12.05 -4.72
CA HIS A 57 -11.35 -13.45 -4.42
C HIS A 57 -12.59 -14.32 -4.55
N THR A 58 -13.76 -13.74 -4.83
CA THR A 58 -14.94 -14.53 -5.14
C THR A 58 -14.71 -15.34 -6.41
N GLU A 59 -15.08 -16.61 -6.37
CA GLU A 59 -14.80 -17.53 -7.46
C GLU A 59 -15.98 -17.58 -8.42
N ILE A 60 -15.69 -17.37 -9.70
CA ILE A 60 -16.73 -17.49 -10.74
C ILE A 60 -17.06 -18.96 -10.91
N SER A 61 -18.20 -19.39 -10.38
CA SER A 61 -18.55 -20.80 -10.42
C SER A 61 -18.86 -21.23 -11.85
N PRO A 62 -18.50 -22.46 -12.23
CA PRO A 62 -18.82 -22.94 -13.59
C PRO A 62 -20.28 -23.36 -13.72
N GLU A 63 -20.89 -23.72 -12.60
CA GLU A 63 -22.29 -24.18 -12.60
C GLU A 63 -23.20 -22.96 -12.57
N GLN A 64 -23.95 -22.76 -13.66
CA GLN A 64 -24.87 -21.63 -13.72
C GLN A 64 -26.04 -21.80 -12.75
N GLN A 65 -26.39 -23.04 -12.40
CA GLN A 65 -27.52 -23.28 -11.51
C GLN A 65 -27.31 -22.68 -10.12
N PHE A 66 -26.05 -22.48 -9.72
CA PHE A 66 -25.76 -21.86 -8.43
C PHE A 66 -25.80 -20.33 -8.51
N ASP A 67 -25.97 -19.76 -9.71
CA ASP A 67 -25.79 -18.33 -9.89
C ASP A 67 -26.60 -17.53 -8.87
N ARG A 68 -27.88 -17.88 -8.72
CA ARG A 68 -28.74 -17.11 -7.81
C ARG A 68 -28.10 -16.95 -6.45
N SER A 69 -27.53 -18.03 -5.91
CA SER A 69 -26.84 -17.92 -4.63
C SER A 69 -25.57 -17.08 -4.77
N VAL A 70 -24.73 -17.40 -5.75
CA VAL A 70 -23.43 -16.76 -5.87
C VAL A 70 -23.60 -15.25 -6.00
N GLN A 71 -24.47 -14.83 -6.93
CA GLN A 71 -24.74 -13.41 -7.08
C GLN A 71 -25.11 -12.78 -5.74
N ARG A 72 -26.03 -13.42 -5.01
CA ARG A 72 -26.45 -12.86 -3.74
C ARG A 72 -25.26 -12.62 -2.82
N LEU A 73 -24.29 -13.53 -2.82
CA LEU A 73 -23.09 -13.31 -2.05
C LEU A 73 -22.30 -12.12 -2.60
N LEU A 74 -22.01 -12.16 -3.91
CA LEU A 74 -21.12 -11.16 -4.50
C LEU A 74 -21.64 -9.75 -4.25
N ALA A 75 -22.90 -9.51 -4.62
CA ALA A 75 -23.50 -8.20 -4.38
C ALA A 75 -23.30 -7.77 -2.94
N THR A 76 -23.61 -8.65 -1.99
CA THR A 76 -23.42 -8.29 -0.59
C THR A 76 -21.97 -7.90 -0.33
N ARG A 77 -21.02 -8.72 -0.79
CA ARG A 77 -19.61 -8.40 -0.59
C ARG A 77 -19.27 -7.06 -1.23
N ILE A 78 -19.93 -6.73 -2.34
CA ILE A 78 -19.72 -5.42 -2.95
C ILE A 78 -20.27 -4.34 -2.03
N ALA A 79 -21.51 -4.50 -1.56
CA ALA A 79 -22.13 -3.48 -0.74
C ALA A 79 -21.28 -3.14 0.46
N VAL A 80 -20.85 -4.16 1.20
CA VAL A 80 -19.98 -3.93 2.35
C VAL A 80 -18.76 -3.13 1.93
N TYR A 81 -18.10 -3.56 0.84
CA TYR A 81 -16.93 -2.85 0.36
C TYR A 81 -17.23 -1.37 0.18
N LEU A 82 -18.38 -1.06 -0.41
CA LEU A 82 -18.73 0.34 -0.65
C LEU A 82 -18.96 1.07 0.67
N MET A 83 -19.62 0.42 1.63
CA MET A 83 -19.86 1.08 2.91
C MET A 83 -18.54 1.32 3.64
N THR A 84 -17.73 0.28 3.80
CA THR A 84 -16.48 0.41 4.52
C THR A 84 -15.62 1.52 3.93
N PHE A 85 -15.40 1.49 2.61
CA PHE A 85 -14.60 2.53 1.97
C PHE A 85 -15.12 3.92 2.31
N LEU A 86 -16.44 4.09 2.38
CA LEU A 86 -16.99 5.37 2.77
C LEU A 86 -16.67 5.67 4.23
N ILE A 87 -16.96 4.73 5.13
CA ILE A 87 -16.79 4.99 6.55
C ILE A 87 -15.35 5.37 6.85
N VAL A 88 -14.40 4.54 6.39
CA VAL A 88 -12.99 4.86 6.58
C VAL A 88 -12.68 6.23 5.98
N THR A 89 -13.20 6.51 4.78
CA THR A 89 -12.97 7.82 4.18
C THR A 89 -13.38 8.93 5.12
N VAL A 90 -14.57 8.82 5.73
CA VAL A 90 -15.00 9.83 6.68
C VAL A 90 -13.95 10.00 7.76
N ALA A 91 -13.50 8.89 8.36
CA ALA A 91 -12.43 8.98 9.34
C ALA A 91 -11.22 9.70 8.77
N TRP A 92 -10.76 9.28 7.59
CA TRP A 92 -9.64 9.97 6.97
C TRP A 92 -9.92 11.46 6.88
N ALA A 93 -11.10 11.84 6.39
CA ALA A 93 -11.42 13.26 6.30
C ALA A 93 -11.26 13.94 7.64
N ALA A 94 -11.83 13.36 8.70
CA ALA A 94 -11.69 13.95 10.02
C ALA A 94 -10.23 14.12 10.38
N HIS A 95 -9.42 13.07 10.14
CA HIS A 95 -7.99 13.19 10.37
C HIS A 95 -7.43 14.38 9.62
N THR A 96 -7.74 14.49 8.33
CA THR A 96 -7.22 15.60 7.54
C THR A 96 -7.57 16.93 8.18
N ARG A 97 -8.74 17.05 8.77
CA ARG A 97 -9.13 18.29 9.42
C ARG A 97 -8.38 18.48 10.74
N LEU A 98 -8.26 17.41 11.53
CA LEU A 98 -7.62 17.52 12.83
C LEU A 98 -6.23 18.14 12.71
N PHE A 99 -5.43 17.62 11.79
CA PHE A 99 -4.06 18.08 11.63
C PHE A 99 -3.95 19.30 10.73
N GLN A 100 -5.06 19.83 10.23
CA GLN A 100 -5.06 21.22 9.79
C GLN A 100 -5.03 22.17 10.97
N VAL A 101 -5.53 21.70 12.13
CA VAL A 101 -5.52 22.51 13.35
C VAL A 101 -4.29 22.24 14.21
N VAL A 102 -3.62 21.11 14.01
CA VAL A 102 -2.36 20.79 14.67
C VAL A 102 -1.30 20.79 13.57
N GLY A 103 -0.60 21.91 13.41
CA GLY A 103 0.34 22.04 12.31
C GLY A 103 1.60 21.21 12.52
N LYS A 104 2.37 21.55 13.56
CA LYS A 104 3.62 20.87 13.86
C LYS A 104 3.38 19.75 14.86
N THR A 105 4.13 18.67 14.71
CA THR A 105 3.99 17.49 15.54
C THR A 105 5.20 17.31 16.46
N ASP A 106 5.04 16.40 17.42
CA ASP A 106 6.11 16.03 18.32
C ASP A 106 6.02 14.52 18.55
N ASP A 107 6.87 14.00 19.45
CA ASP A 107 6.90 12.56 19.69
C ASP A 107 5.58 12.06 20.24
N THR A 108 5.02 12.75 21.23
CA THR A 108 3.77 12.33 21.83
C THR A 108 2.65 12.30 20.80
N LEU A 109 2.58 13.32 19.94
CA LEU A 109 1.55 13.36 18.92
C LEU A 109 1.72 12.25 17.89
N ALA A 110 2.97 11.91 17.54
CA ALA A 110 3.19 10.80 16.63
C ALA A 110 2.71 9.49 17.23
N LEU A 111 3.02 9.24 18.50
CA LEU A 111 2.55 8.02 19.15
C LEU A 111 1.03 8.00 19.23
N LEU A 112 0.42 9.13 19.56
CA LEU A 112 -1.03 9.21 19.63
C LEU A 112 -1.67 8.98 18.27
N ASN A 113 -1.04 9.49 17.21
CA ASN A 113 -1.53 9.25 15.86
C ASN A 113 -1.42 7.78 15.48
N LEU A 114 -0.35 7.11 15.93
CA LEU A 114 -0.26 5.67 15.73
C LEU A 114 -1.42 4.96 16.42
N ALA A 115 -1.74 5.37 17.64
CA ALA A 115 -2.89 4.79 18.34
C ALA A 115 -4.19 5.03 17.57
N CYS A 116 -4.36 6.23 17.02
CA CYS A 116 -5.55 6.54 16.24
C CYS A 116 -5.64 5.67 14.99
N MET A 117 -4.52 5.49 14.29
CA MET A 117 -4.50 4.61 13.13
C MET A 117 -4.88 3.19 13.52
N MET A 118 -4.34 2.72 14.65
CA MET A 118 -4.67 1.38 15.10
C MET A 118 -6.17 1.24 15.36
N THR A 119 -6.76 2.25 15.99
CA THR A 119 -8.19 2.22 16.24
C THR A 119 -8.97 2.20 14.92
N ILE A 120 -8.56 3.00 13.95
CA ILE A 120 -9.27 3.06 12.68
C ILE A 120 -9.19 1.73 11.95
N THR A 121 -8.09 1.00 12.12
CA THR A 121 -7.93 -0.25 11.39
C THR A 121 -9.00 -1.29 11.72
N PHE A 122 -9.74 -1.13 12.81
CA PHE A 122 -10.75 -2.09 13.21
C PHE A 122 -12.15 -1.76 12.73
N LEU A 123 -12.32 -0.65 12.03
CA LEU A 123 -13.65 -0.26 11.55
C LEU A 123 -14.19 -1.27 10.55
N PRO A 124 -13.41 -1.68 9.55
CA PRO A 124 -13.94 -2.65 8.57
C PRO A 124 -14.40 -3.95 9.20
N TYR A 125 -13.61 -4.51 10.12
CA TYR A 125 -13.97 -5.78 10.74
C TYR A 125 -15.24 -5.64 11.55
N THR A 126 -15.36 -4.57 12.33
CA THR A 126 -16.54 -4.37 13.17
C THR A 126 -17.79 -4.13 12.34
N PHE A 127 -17.68 -3.35 11.26
CA PHE A 127 -18.83 -3.13 10.40
C PHE A 127 -19.24 -4.43 9.71
N SER A 128 -18.26 -5.21 9.23
CA SER A 128 -18.56 -6.49 8.60
C SER A 128 -19.25 -7.44 9.58
N LEU A 129 -18.79 -7.49 10.82
CA LEU A 129 -19.43 -8.29 11.86
C LEU A 129 -20.83 -7.80 12.20
N MET A 130 -21.04 -6.48 12.23
CA MET A 130 -22.37 -5.94 12.48
C MET A 130 -23.34 -6.36 11.38
N VAL A 131 -22.91 -6.28 10.11
CA VAL A 131 -23.80 -6.64 9.03
C VAL A 131 -23.99 -8.17 8.97
N THR A 132 -22.98 -8.93 9.39
CA THR A 132 -23.08 -10.39 9.33
C THR A 132 -23.98 -10.93 10.43
N PHE A 133 -24.08 -10.24 11.57
CA PHE A 133 -24.90 -10.66 12.70
C PHE A 133 -25.83 -9.52 13.10
N PRO A 134 -26.83 -9.23 12.26
CA PRO A 134 -27.73 -8.10 12.57
C PRO A 134 -28.45 -8.21 13.90
N ASP A 135 -28.85 -9.41 14.32
CA ASP A 135 -29.68 -9.59 15.51
C ASP A 135 -28.87 -9.74 16.79
N VAL A 136 -27.55 -9.79 16.70
CA VAL A 136 -26.69 -9.88 17.88
C VAL A 136 -26.31 -8.46 18.28
N PRO A 137 -26.66 -8.01 19.48
CA PRO A 137 -26.36 -6.61 19.85
C PRO A 137 -24.88 -6.34 20.03
N LEU A 138 -24.04 -7.38 20.07
CA LEU A 138 -22.62 -7.17 20.33
C LEU A 138 -21.91 -6.52 19.14
N GLY A 139 -22.37 -6.79 17.91
CA GLY A 139 -21.70 -6.21 16.75
C GLY A 139 -21.82 -4.70 16.70
N ILE A 140 -23.02 -4.17 16.92
CA ILE A 140 -23.20 -2.72 16.94
C ILE A 140 -22.42 -2.13 18.10
N PHE A 141 -22.37 -2.85 19.23
CA PHE A 141 -21.59 -2.39 20.37
C PHE A 141 -20.12 -2.25 20.02
N LEU A 142 -19.56 -3.26 19.36
CA LEU A 142 -18.15 -3.21 18.97
C LEU A 142 -17.89 -2.08 18.00
N PHE A 143 -18.75 -1.91 16.99
CA PHE A 143 -18.55 -0.85 16.02
C PHE A 143 -18.61 0.52 16.69
N CYS A 144 -19.62 0.74 17.54
CA CYS A 144 -19.76 2.00 18.23
C CYS A 144 -18.58 2.26 19.16
N VAL A 145 -18.08 1.21 19.81
CA VAL A 145 -16.94 1.38 20.71
C VAL A 145 -15.70 1.76 19.93
N CYS A 146 -15.50 1.18 18.75
CA CYS A 146 -14.37 1.58 17.92
C CYS A 146 -14.49 3.05 17.50
N VAL A 147 -15.70 3.48 17.12
CA VAL A 147 -15.89 4.88 16.75
C VAL A 147 -15.58 5.78 17.94
N ILE A 148 -16.07 5.41 19.13
CA ILE A 148 -15.83 6.20 20.34
C ILE A 148 -14.35 6.26 20.65
N ALA A 149 -13.63 5.16 20.46
CA ALA A 149 -12.19 5.15 20.72
C ALA A 149 -11.46 6.08 19.76
N ILE A 150 -11.85 6.07 18.48
CA ILE A 150 -11.27 7.03 17.54
C ILE A 150 -11.49 8.45 18.03
N GLY A 151 -12.72 8.76 18.42
CA GLY A 151 -13.01 10.10 18.90
C GLY A 151 -12.20 10.46 20.14
N VAL A 152 -12.04 9.51 21.05
CA VAL A 152 -11.30 9.75 22.28
C VAL A 152 -9.84 10.06 21.98
N VAL A 153 -9.22 9.27 21.10
CA VAL A 153 -7.82 9.52 20.77
C VAL A 153 -7.66 10.87 20.09
N GLN A 154 -8.56 11.21 19.17
CA GLN A 154 -8.45 12.51 18.51
C GLN A 154 -8.67 13.66 19.48
N ALA A 155 -9.58 13.51 20.44
CA ALA A 155 -9.75 14.53 21.47
C ALA A 155 -8.51 14.65 22.35
N LEU A 156 -7.85 13.52 22.65
CA LEU A 156 -6.59 13.58 23.38
C LEU A 156 -5.54 14.36 22.60
N ILE A 157 -5.47 14.12 21.29
CA ILE A 157 -4.53 14.86 20.44
C ILE A 157 -4.83 16.36 20.51
N VAL A 158 -6.11 16.72 20.41
CA VAL A 158 -6.49 18.13 20.44
C VAL A 158 -6.12 18.75 21.78
N GLY A 159 -6.42 18.06 22.87
CA GLY A 159 -6.09 18.59 24.19
C GLY A 159 -4.60 18.76 24.38
N TYR A 160 -3.80 17.79 23.93
CA TYR A 160 -2.35 17.90 24.05
C TYR A 160 -1.84 19.09 23.23
N ALA A 161 -2.33 19.24 22.00
CA ALA A 161 -1.87 20.33 21.15
C ALA A 161 -2.27 21.69 21.69
N PHE A 162 -3.42 21.79 22.36
CA PHE A 162 -3.83 23.06 22.96
C PHE A 162 -3.14 23.34 24.29
N HIS A 163 -2.70 22.29 25.00
CA HIS A 163 -1.88 22.51 26.19
C HIS A 163 -0.51 23.05 25.81
N PHE A 164 0.02 22.62 24.65
CA PHE A 164 1.25 23.16 24.09
C PHE A 164 0.91 23.98 22.87
N PRO A 165 0.61 25.27 23.03
CA PRO A 165 0.07 26.05 21.90
C PRO A 165 0.99 26.14 20.70
N HIS A 166 2.30 26.04 20.91
CA HIS A 166 3.23 26.18 19.79
C HIS A 166 3.09 25.07 18.76
N LEU A 167 2.39 23.99 19.09
CA LEU A 167 2.11 22.93 18.14
C LEU A 167 0.89 23.23 17.27
N LEU A 168 0.18 24.31 17.55
CA LEU A 168 -0.99 24.68 16.76
C LEU A 168 -0.58 25.42 15.50
N SER A 169 -1.50 25.43 14.52
CA SER A 169 -1.28 26.18 13.31
C SER A 169 -1.29 27.69 13.61
N PRO A 170 -0.53 28.48 12.86
CA PRO A 170 -0.43 29.92 13.20
C PRO A 170 -1.77 30.64 13.22
N GLN A 171 -2.68 30.32 12.31
CA GLN A 171 -3.97 30.99 12.30
C GLN A 171 -4.83 30.61 13.48
N ILE A 172 -4.50 29.50 14.17
CA ILE A 172 -5.23 29.10 15.36
C ILE A 172 -4.60 29.65 16.64
N GLN A 173 -3.36 30.12 16.58
CA GLN A 173 -2.67 30.65 17.75
C GLN A 173 -2.81 32.16 17.82
N GLU A 254 -13.36 24.48 5.43
CA GLU A 254 -14.06 23.94 4.27
C GLU A 254 -13.09 23.23 3.31
N PRO A 255 -12.07 23.94 2.83
CA PRO A 255 -11.12 23.31 1.92
C PRO A 255 -10.42 22.11 2.57
N LEU A 256 -10.18 21.09 1.78
CA LEU A 256 -9.40 19.93 2.19
C LEU A 256 -7.96 20.09 1.72
N SER A 257 -7.02 19.66 2.54
CA SER A 257 -5.62 19.68 2.16
C SER A 257 -5.38 18.87 0.90
N LYS A 258 -5.01 19.56 -0.18
CA LYS A 258 -4.73 18.88 -1.44
C LYS A 258 -3.64 17.82 -1.26
N GLU A 259 -2.73 18.05 -0.31
CA GLU A 259 -1.67 17.08 -0.03
C GLU A 259 -2.27 15.73 0.34
N ARG A 260 -3.19 15.74 1.31
CA ARG A 260 -3.76 14.49 1.82
C ARG A 260 -4.62 13.81 0.77
N VAL A 261 -5.39 14.60 0.02
CA VAL A 261 -6.21 14.04 -1.05
C VAL A 261 -5.34 13.32 -2.05
N GLU A 262 -4.26 13.96 -2.49
CA GLU A 262 -3.37 13.34 -3.47
C GLU A 262 -2.74 12.07 -2.92
N ALA A 263 -2.25 12.10 -1.68
CA ALA A 263 -1.59 10.92 -1.12
C ALA A 263 -2.57 9.75 -1.00
N PHE A 264 -3.77 10.03 -0.47
CA PHE A 264 -4.77 8.98 -0.30
C PHE A 264 -5.17 8.37 -1.65
N SER A 265 -5.41 9.24 -2.64
CA SER A 265 -5.79 8.75 -3.96
C SER A 265 -4.68 7.93 -4.58
N ASP A 266 -3.43 8.37 -4.42
CA ASP A 266 -2.30 7.62 -4.96
C ASP A 266 -2.22 6.23 -4.35
N GLY A 267 -2.38 6.14 -3.03
CA GLY A 267 -2.35 4.84 -2.39
C GLY A 267 -3.45 3.92 -2.88
N VAL A 268 -4.68 4.45 -2.98
CA VAL A 268 -5.79 3.64 -3.47
C VAL A 268 -5.51 3.15 -4.88
N TYR A 269 -5.02 4.06 -5.74
CA TYR A 269 -4.75 3.69 -7.13
C TYR A 269 -3.69 2.59 -7.21
N ALA A 270 -2.62 2.71 -6.43
CA ALA A 270 -1.57 1.70 -6.46
C ALA A 270 -2.11 0.34 -6.01
N ILE A 271 -2.89 0.32 -4.93
CA ILE A 271 -3.43 -0.94 -4.44
C ILE A 271 -4.33 -1.57 -5.51
N VAL A 272 -5.20 -0.78 -6.12
CA VAL A 272 -6.14 -1.33 -7.09
C VAL A 272 -5.40 -1.81 -8.33
N ALA A 273 -4.33 -1.12 -8.72
CA ALA A 273 -3.57 -1.52 -9.89
C ALA A 273 -2.80 -2.82 -9.65
N THR A 274 -2.34 -3.07 -8.42
CA THR A 274 -1.52 -4.24 -8.14
C THR A 274 -2.28 -5.40 -7.51
N LEU A 275 -3.59 -5.27 -7.30
CA LEU A 275 -4.36 -6.37 -6.71
C LEU A 275 -4.16 -7.68 -7.46
N LEU A 276 -4.35 -7.66 -8.78
CA LEU A 276 -4.37 -8.90 -9.55
C LEU A 276 -2.99 -9.51 -9.64
N ILE A 277 -1.94 -8.69 -9.73
CA ILE A 277 -0.59 -9.25 -9.77
C ILE A 277 -0.23 -9.85 -8.42
N LEU A 278 -0.69 -9.24 -7.32
CA LEU A 278 -0.49 -9.86 -6.02
C LEU A 278 -1.14 -11.24 -5.98
N ASP A 279 -2.39 -11.33 -6.44
CA ASP A 279 -3.08 -12.62 -6.45
C ASP A 279 -2.37 -13.63 -7.33
N ILE A 280 -1.89 -13.20 -8.50
CA ILE A 280 -1.17 -14.09 -9.40
C ILE A 280 0.10 -14.61 -8.74
N CYS A 281 0.88 -13.71 -8.15
CA CYS A 281 2.13 -14.11 -7.50
C CYS A 281 1.90 -15.05 -6.34
N GLU A 282 0.76 -14.96 -5.66
CA GLU A 282 0.48 -15.92 -4.60
C GLU A 282 0.01 -17.26 -5.14
N ASP A 283 -0.95 -17.24 -6.08
CA ASP A 283 -1.69 -18.46 -6.40
C ASP A 283 -1.17 -19.16 -7.65
N ASN A 284 -0.74 -18.41 -8.68
CA ASN A 284 -0.62 -18.97 -10.02
C ASN A 284 0.83 -19.18 -10.46
N VAL A 285 1.69 -19.66 -9.57
CA VAL A 285 2.99 -20.21 -9.96
C VAL A 285 2.83 -21.72 -10.06
N PRO A 286 3.00 -22.32 -11.23
CA PRO A 286 2.62 -23.73 -11.40
C PRO A 286 3.31 -24.64 -10.40
N ASP A 287 2.57 -25.62 -9.90
CA ASP A 287 3.14 -26.64 -9.06
C ASP A 287 4.04 -27.54 -9.91
N PRO A 288 5.26 -27.86 -9.46
CA PRO A 288 6.12 -28.74 -10.26
C PRO A 288 5.47 -30.09 -10.57
N LYS A 289 4.66 -30.63 -9.67
CA LYS A 289 3.98 -31.88 -9.93
C LYS A 289 2.84 -31.70 -10.92
N ASP A 290 2.13 -30.57 -10.82
CA ASP A 290 1.02 -30.30 -11.74
C ASP A 290 1.51 -30.23 -13.18
N VAL A 291 2.66 -29.59 -13.40
CA VAL A 291 3.22 -29.41 -14.73
C VAL A 291 3.50 -30.77 -15.34
N LYS A 292 3.65 -31.79 -14.49
CA LYS A 292 3.97 -33.13 -14.98
C LYS A 292 2.72 -33.85 -15.49
N GLU A 293 1.71 -34.02 -14.63
CA GLU A 293 0.58 -34.88 -14.97
C GLU A 293 -0.47 -34.13 -15.78
N ARG A 294 -0.90 -32.96 -15.31
CA ARG A 294 -1.99 -32.23 -15.95
C ARG A 294 -1.52 -31.36 -17.11
N PHE A 295 -0.22 -31.34 -17.40
CA PHE A 295 0.29 -30.57 -18.53
C PHE A 295 1.39 -31.32 -19.29
N SER A 296 1.61 -32.60 -19.00
CA SER A 296 2.54 -33.43 -19.77
C SER A 296 3.95 -32.84 -19.77
N GLY A 297 4.35 -32.23 -18.65
CA GLY A 297 5.69 -31.77 -18.47
C GLY A 297 6.03 -30.44 -19.12
N SER A 298 5.06 -29.79 -19.76
CA SER A 298 5.31 -28.54 -20.47
C SER A 298 5.01 -27.36 -19.56
N LEU A 299 6.05 -26.64 -19.15
CA LEU A 299 5.85 -25.38 -18.44
C LEU A 299 5.21 -24.34 -19.35
N VAL A 300 5.50 -24.41 -20.65
CA VAL A 300 4.90 -23.47 -21.60
C VAL A 300 3.38 -23.58 -21.57
N ALA A 301 2.86 -24.81 -21.64
CA ALA A 301 1.43 -25.03 -21.62
C ALA A 301 0.78 -24.65 -20.30
N ALA A 302 1.42 -24.95 -19.18
CA ALA A 302 0.89 -24.56 -17.89
C ALA A 302 0.84 -23.04 -17.71
N LEU A 303 1.84 -22.33 -18.23
CA LEU A 303 1.80 -20.88 -18.21
C LEU A 303 0.71 -20.35 -19.15
N SER A 304 0.57 -20.97 -20.32
CA SER A 304 -0.44 -20.52 -21.28
C SER A 304 -1.84 -20.73 -20.74
N ALA A 305 -2.04 -21.75 -19.92
CA ALA A 305 -3.33 -21.98 -19.27
C ALA A 305 -3.63 -20.92 -18.21
N THR A 306 -2.71 -19.99 -17.96
CA THR A 306 -2.91 -18.89 -17.04
C THR A 306 -3.00 -17.55 -17.76
N GLY A 307 -3.16 -17.55 -19.08
CA GLY A 307 -3.16 -16.34 -19.86
C GLY A 307 -4.27 -15.36 -19.51
N PRO A 308 -5.50 -15.86 -19.31
CA PRO A 308 -6.62 -14.96 -19.02
C PRO A 308 -6.38 -14.06 -17.81
N ARG A 309 -5.78 -14.61 -16.76
CA ARG A 309 -5.52 -13.81 -15.56
C ARG A 309 -4.50 -12.70 -15.84
N PHE A 310 -3.47 -13.01 -16.61
CA PHE A 310 -2.49 -12.00 -16.98
C PHE A 310 -3.08 -10.94 -17.89
N LEU A 311 -3.96 -11.33 -18.82
CA LEU A 311 -4.68 -10.35 -19.61
C LEU A 311 -5.52 -9.45 -18.73
N ALA A 312 -6.18 -10.02 -17.72
CA ALA A 312 -6.94 -9.21 -16.78
C ALA A 312 -6.06 -8.21 -16.06
N TYR A 313 -4.88 -8.64 -15.62
CA TYR A 313 -3.98 -7.72 -14.92
C TYR A 313 -3.50 -6.60 -15.84
N PHE A 314 -2.99 -6.98 -17.01
CA PHE A 314 -2.78 -6.04 -18.11
C PHE A 314 -3.88 -4.99 -18.23
N GLY A 315 -5.12 -5.42 -18.46
CA GLY A 315 -6.19 -4.46 -18.65
C GLY A 315 -6.42 -3.58 -17.44
N SER A 316 -6.47 -4.19 -16.26
CA SER A 316 -6.78 -3.48 -15.04
C SER A 316 -5.71 -2.44 -14.72
N PHE A 317 -4.43 -2.84 -14.81
CA PHE A 317 -3.34 -1.93 -14.52
C PHE A 317 -3.33 -0.77 -15.51
N ALA A 318 -3.53 -1.07 -16.80
CA ALA A 318 -3.56 0.00 -17.78
C ALA A 318 -4.67 1.01 -17.48
N THR A 319 -5.88 0.51 -17.22
CA THR A 319 -7.00 1.41 -16.98
C THR A 319 -6.81 2.22 -15.69
N VAL A 320 -6.37 1.56 -14.62
CA VAL A 320 -6.16 2.27 -13.36
C VAL A 320 -5.06 3.30 -13.50
N GLY A 321 -3.97 2.94 -14.18
CA GLY A 321 -2.88 3.88 -14.39
C GLY A 321 -3.31 5.08 -15.21
N LEU A 322 -4.13 4.88 -16.24
CA LEU A 322 -4.59 6.01 -17.02
C LEU A 322 -5.57 6.88 -16.24
N LEU A 323 -6.43 6.29 -15.42
CA LEU A 323 -7.28 7.10 -14.55
C LEU A 323 -6.43 7.90 -13.55
N TRP A 324 -5.39 7.28 -12.99
CA TRP A 324 -4.47 8.02 -12.14
C TRP A 324 -3.79 9.14 -12.92
N PHE A 325 -3.45 8.89 -14.17
CA PHE A 325 -2.83 9.91 -15.01
C PHE A 325 -3.74 11.11 -15.17
N ALA A 326 -5.03 10.85 -15.45
CA ALA A 326 -5.99 11.95 -15.56
C ALA A 326 -6.14 12.69 -14.24
N HIS A 327 -6.24 11.96 -13.14
CA HIS A 327 -6.36 12.58 -11.82
C HIS A 327 -5.14 13.44 -11.50
N HIS A 328 -3.95 12.93 -11.80
CA HIS A 328 -2.71 13.64 -11.59
C HIS A 328 -2.65 14.91 -12.42
N SER A 329 -3.05 14.83 -13.70
CA SER A 329 -3.08 16.02 -14.54
C SER A 329 -4.06 17.06 -13.99
N LEU A 330 -5.23 16.61 -13.52
CA LEU A 330 -6.20 17.54 -12.96
C LEU A 330 -5.65 18.23 -11.72
N PHE A 331 -5.13 17.46 -10.76
CA PHE A 331 -4.71 18.05 -9.49
C PHE A 331 -3.38 18.77 -9.60
N LEU A 332 -2.65 18.62 -10.71
CA LEU A 332 -1.52 19.50 -10.96
C LEU A 332 -1.96 20.94 -11.18
N HIS A 333 -3.22 21.15 -11.58
CA HIS A 333 -3.75 22.47 -11.86
C HIS A 333 -4.72 22.98 -10.80
N VAL A 334 -4.90 22.26 -9.71
CA VAL A 334 -5.88 22.61 -8.68
C VAL A 334 -5.20 23.53 -7.67
N ARG A 335 -5.72 24.75 -7.53
CA ARG A 335 -5.20 25.67 -6.53
C ARG A 335 -5.72 25.31 -5.14
N LYS A 336 -6.98 24.90 -5.03
CA LYS A 336 -7.62 24.63 -3.75
C LYS A 336 -8.64 23.52 -3.93
N ALA A 337 -8.56 22.49 -3.09
CA ALA A 337 -9.55 21.44 -3.07
C ALA A 337 -10.71 21.81 -2.15
N THR A 338 -11.88 21.28 -2.44
CA THR A 338 -13.10 21.58 -1.71
C THR A 338 -13.73 20.29 -1.18
N ARG A 339 -14.72 20.48 -0.30
CA ARG A 339 -15.45 19.34 0.26
C ARG A 339 -16.22 18.60 -0.83
N ALA A 340 -16.89 19.32 -1.72
CA ALA A 340 -17.60 18.68 -2.82
C ALA A 340 -16.64 17.91 -3.72
N MET A 341 -15.49 18.52 -4.02
CA MET A 341 -14.50 17.84 -4.83
C MET A 341 -13.98 16.60 -4.12
N GLY A 342 -13.82 16.67 -2.80
CA GLY A 342 -13.43 15.49 -2.05
C GLY A 342 -14.45 14.39 -2.10
N LEU A 343 -15.74 14.74 -2.00
CA LEU A 343 -16.79 13.73 -2.09
C LEU A 343 -16.79 13.06 -3.46
N LEU A 344 -16.66 13.86 -4.52
CA LEU A 344 -16.61 13.30 -5.86
C LEU A 344 -15.39 12.42 -6.05
N ASN A 345 -14.24 12.82 -5.50
CA ASN A 345 -13.04 12.00 -5.57
C ASN A 345 -13.22 10.68 -4.82
N THR A 346 -13.89 10.74 -3.66
CA THR A 346 -14.18 9.53 -2.91
C THR A 346 -15.03 8.57 -3.72
N LEU A 347 -16.08 9.09 -4.37
CA LEU A 347 -16.92 8.25 -5.22
C LEU A 347 -16.11 7.65 -6.36
N SER A 348 -15.25 8.46 -6.98
CA SER A 348 -14.44 7.99 -8.08
C SER A 348 -13.52 6.85 -7.64
N LEU A 349 -12.86 7.02 -6.49
CA LEU A 349 -11.97 5.97 -5.99
C LEU A 349 -12.75 4.72 -5.63
N ALA A 350 -13.93 4.87 -5.02
CA ALA A 350 -14.74 3.72 -4.66
C ALA A 350 -15.09 2.90 -5.91
N PHE A 351 -15.47 3.57 -7.00
CA PHE A 351 -15.78 2.84 -8.22
C PHE A 351 -14.53 2.38 -8.95
N VAL A 352 -13.40 3.04 -8.75
CA VAL A 352 -12.13 2.55 -9.28
C VAL A 352 -11.78 1.21 -8.67
N GLY A 353 -12.11 1.03 -7.39
CA GLY A 353 -11.80 -0.22 -6.71
C GLY A 353 -12.39 -1.45 -7.38
N GLY A 354 -13.49 -1.27 -8.12
CA GLY A 354 -14.18 -2.37 -8.75
C GLY A 354 -13.71 -2.75 -10.14
N LEU A 355 -12.64 -2.16 -10.63
CA LEU A 355 -12.18 -2.41 -11.99
C LEU A 355 -11.50 -3.78 -12.12
N PRO A 356 -10.69 -4.20 -11.15
CA PRO A 356 -10.11 -5.55 -11.25
C PRO A 356 -11.15 -6.64 -11.36
N LEU A 357 -12.26 -6.52 -10.65
CA LEU A 357 -13.35 -7.48 -10.78
C LEU A 357 -13.88 -7.51 -12.20
N ALA A 358 -14.17 -6.33 -12.76
CA ALA A 358 -14.68 -6.24 -14.12
C ALA A 358 -13.72 -6.89 -15.11
N TYR A 359 -12.41 -6.67 -14.93
CA TYR A 359 -11.45 -7.22 -15.87
C TYR A 359 -11.27 -8.72 -15.68
N GLN A 360 -11.46 -9.22 -14.45
CA GLN A 360 -11.51 -10.66 -14.25
C GLN A 360 -12.69 -11.27 -14.98
N GLN A 361 -13.84 -10.61 -14.95
CA GLN A 361 -15.04 -11.18 -15.54
C GLN A 361 -15.00 -11.17 -17.06
N THR A 362 -14.25 -10.25 -17.66
CA THR A 362 -14.17 -10.15 -19.12
C THR A 362 -13.09 -11.06 -19.71
N SER A 363 -12.32 -11.77 -18.89
CA SER A 363 -11.38 -12.76 -19.37
C SER A 363 -11.77 -14.18 -19.02
N ALA A 364 -12.81 -14.38 -18.22
CA ALA A 364 -13.26 -15.73 -17.88
C ALA A 364 -13.97 -16.38 -19.06
N PHE A 365 -14.18 -17.68 -18.96
CA PHE A 365 -14.83 -18.44 -20.01
C PHE A 365 -16.34 -18.19 -20.00
N ALA A 366 -16.91 -18.07 -21.19
CA ALA A 366 -18.34 -17.80 -21.36
C ALA A 366 -18.95 -18.88 -22.23
N ARG A 367 -19.86 -19.67 -21.65
CA ARG A 367 -20.59 -20.65 -22.45
C ARG A 367 -21.51 -19.97 -23.45
N GLN A 368 -22.21 -18.91 -23.01
CA GLN A 368 -23.13 -18.18 -23.88
C GLN A 368 -22.54 -16.82 -24.25
N PRO A 369 -22.75 -16.35 -25.47
CA PRO A 369 -22.26 -15.00 -25.83
C PRO A 369 -22.89 -13.89 -25.00
N ARG A 370 -24.14 -14.06 -24.57
CA ARG A 370 -24.79 -13.03 -23.77
C ARG A 370 -24.07 -12.79 -22.46
N ASP A 371 -23.44 -13.81 -21.89
CA ASP A 371 -22.64 -13.60 -20.69
C ASP A 371 -21.48 -12.66 -20.98
N GLU A 372 -20.77 -12.91 -22.09
CA GLU A 372 -19.71 -11.99 -22.53
C GLU A 372 -20.24 -10.58 -22.68
N LEU A 373 -21.41 -10.45 -23.32
CA LEU A 373 -21.97 -9.13 -23.56
C LEU A 373 -22.30 -8.41 -22.26
N GLU A 374 -22.90 -9.12 -21.30
CA GLU A 374 -23.25 -8.52 -20.03
C GLU A 374 -22.03 -8.18 -19.18
N ARG A 375 -21.00 -9.02 -19.21
CA ARG A 375 -19.75 -8.66 -18.53
C ARG A 375 -19.14 -7.40 -19.15
N VAL A 376 -19.21 -7.28 -20.47
CA VAL A 376 -18.71 -6.06 -21.12
C VAL A 376 -19.53 -4.86 -20.68
N ARG A 377 -20.86 -5.01 -20.61
CA ARG A 377 -21.72 -3.95 -20.10
C ARG A 377 -21.26 -3.51 -18.71
N VAL A 378 -21.05 -4.49 -17.82
CA VAL A 378 -20.68 -4.17 -16.44
C VAL A 378 -19.33 -3.46 -16.41
N SER A 379 -18.37 -3.95 -17.19
CA SER A 379 -17.06 -3.32 -17.21
C SER A 379 -17.14 -1.87 -17.67
N CYS A 380 -17.87 -1.64 -18.76
CA CYS A 380 -18.02 -0.27 -19.26
C CYS A 380 -18.73 0.61 -18.25
N THR A 381 -19.74 0.06 -17.55
CA THR A 381 -20.43 0.84 -16.53
C THR A 381 -19.50 1.23 -15.39
N ILE A 382 -18.66 0.30 -14.94
CA ILE A 382 -17.73 0.61 -13.86
C ILE A 382 -16.73 1.67 -14.30
N ILE A 383 -16.19 1.53 -15.52
CA ILE A 383 -15.25 2.54 -16.01
C ILE A 383 -15.93 3.91 -16.09
N PHE A 384 -17.15 3.94 -16.61
CA PHE A 384 -17.87 5.20 -16.73
C PHE A 384 -18.13 5.82 -15.37
N LEU A 385 -18.52 5.01 -14.39
CA LEU A 385 -18.75 5.55 -13.05
C LEU A 385 -17.48 6.09 -12.44
N ALA A 386 -16.37 5.38 -12.64
CA ALA A 386 -15.09 5.85 -12.09
C ALA A 386 -14.63 7.15 -12.73
N SER A 387 -14.90 7.34 -14.01
CA SER A 387 -14.38 8.50 -14.74
C SER A 387 -15.31 9.71 -14.74
N ILE A 388 -16.62 9.49 -14.73
CA ILE A 388 -17.56 10.60 -14.75
C ILE A 388 -17.45 11.45 -13.50
N PHE A 389 -17.03 10.86 -12.38
CA PHE A 389 -16.87 11.65 -11.16
C PHE A 389 -15.59 12.46 -11.18
N GLN A 390 -14.54 11.99 -11.85
CA GLN A 390 -13.39 12.86 -12.11
C GLN A 390 -13.79 14.04 -12.99
N LEU A 391 -14.58 13.77 -14.04
CA LEU A 391 -15.08 14.87 -14.87
C LEU A 391 -15.96 15.82 -14.07
N ALA A 392 -16.78 15.30 -13.16
CA ALA A 392 -17.61 16.14 -12.31
C ALA A 392 -16.76 16.97 -11.37
N MET A 393 -15.67 16.39 -10.85
CA MET A 393 -14.72 17.16 -10.06
C MET A 393 -14.20 18.35 -10.85
N TRP A 394 -13.77 18.11 -12.09
CA TRP A 394 -13.27 19.18 -12.94
C TRP A 394 -14.34 20.24 -13.21
N THR A 395 -15.56 19.80 -13.54
CA THR A 395 -16.63 20.74 -13.85
C THR A 395 -17.03 21.56 -12.63
N THR A 396 -17.10 20.92 -11.46
CA THR A 396 -17.40 21.65 -10.23
C THR A 396 -16.31 22.66 -9.90
N ALA A 397 -15.04 22.29 -10.12
CA ALA A 397 -13.96 23.25 -9.92
C ALA A 397 -14.10 24.43 -10.87
N LEU A 398 -14.55 24.17 -12.11
CA LEU A 398 -14.76 25.26 -13.06
C LEU A 398 -15.81 26.26 -12.59
N LEU A 399 -16.68 25.89 -11.65
CA LEU A 399 -17.65 26.84 -11.13
C LEU A 399 -16.98 27.99 -10.40
N HIS A 400 -15.81 27.73 -9.80
CA HIS A 400 -15.06 28.72 -9.03
C HIS A 400 -13.59 28.71 -9.44
N GLN A 401 -13.33 28.73 -10.75
CA GLN A 401 -11.98 28.64 -11.28
C GLN A 401 -11.07 29.68 -10.66
N ALA A 402 -11.62 30.87 -10.39
CA ALA A 402 -10.82 31.94 -9.80
C ALA A 402 -10.19 31.50 -8.48
N GLU A 403 -10.89 30.70 -7.70
CA GLU A 403 -10.40 30.26 -6.40
C GLU A 403 -9.80 28.86 -6.40
N THR A 404 -10.19 28.02 -7.36
CA THR A 404 -9.85 26.60 -7.33
C THR A 404 -8.87 26.17 -8.41
N LEU A 405 -8.71 26.94 -9.48
CA LEU A 405 -7.94 26.50 -10.64
C LEU A 405 -6.91 27.54 -11.03
N GLN A 406 -5.82 27.06 -11.61
CA GLN A 406 -4.84 27.95 -12.20
C GLN A 406 -5.38 28.58 -13.48
N PRO A 407 -4.86 29.75 -13.87
CA PRO A 407 -5.37 30.39 -15.09
C PRO A 407 -5.25 29.53 -16.34
N SER A 408 -4.25 28.63 -16.38
CA SER A 408 -4.03 27.85 -17.59
C SER A 408 -5.26 27.04 -17.98
N VAL A 409 -6.00 26.55 -16.99
CA VAL A 409 -7.17 25.70 -17.24
C VAL A 409 -8.48 26.48 -17.13
N TRP A 410 -8.42 27.79 -16.95
CA TRP A 410 -9.62 28.60 -17.00
C TRP A 410 -10.26 28.53 -18.39
N PHE A 411 -11.51 28.95 -18.47
CA PHE A 411 -12.16 29.07 -19.77
C PHE A 411 -11.38 30.06 -20.63
N GLY A 412 -11.03 29.64 -21.85
CA GLY A 412 -10.18 30.42 -22.72
C GLY A 412 -8.70 30.24 -22.47
N GLY A 413 -8.30 29.41 -21.51
CA GLY A 413 -6.90 29.18 -21.24
C GLY A 413 -6.27 28.19 -22.20
N ARG A 414 -4.94 28.06 -22.09
CA ARG A 414 -4.20 27.21 -23.00
C ARG A 414 -4.57 25.74 -22.81
N GLU A 415 -4.70 25.29 -21.56
CA GLU A 415 -4.84 23.87 -21.25
C GLU A 415 -6.28 23.47 -20.92
N HIS A 416 -7.24 24.38 -21.13
CA HIS A 416 -8.63 24.07 -20.80
C HIS A 416 -9.15 22.92 -21.65
N VAL A 417 -9.01 23.03 -22.97
CA VAL A 417 -9.55 22.02 -23.87
C VAL A 417 -8.82 20.70 -23.71
N LEU A 418 -7.50 20.73 -23.55
CA LEU A 418 -6.76 19.50 -23.36
C LEU A 418 -7.16 18.80 -22.07
N MET A 419 -7.35 19.57 -20.99
CA MET A 419 -7.79 18.97 -19.73
C MET A 419 -9.17 18.35 -19.88
N PHE A 420 -10.09 19.06 -20.55
CA PHE A 420 -11.42 18.51 -20.75
C PHE A 420 -11.37 17.22 -21.56
N ALA A 421 -10.56 17.18 -22.62
CA ALA A 421 -10.43 15.97 -23.40
C ALA A 421 -9.84 14.84 -22.57
N LYS A 422 -8.82 15.13 -21.77
CA LYS A 422 -8.19 14.11 -20.95
C LYS A 422 -9.18 13.51 -19.96
N LEU A 423 -10.03 14.35 -19.35
CA LEU A 423 -10.96 13.85 -18.36
C LEU A 423 -12.26 13.33 -18.96
N ALA A 424 -12.53 13.59 -20.24
CA ALA A 424 -13.74 13.09 -20.90
C ALA A 424 -13.46 11.94 -21.85
N LEU A 425 -12.20 11.55 -22.04
CA LEU A 425 -11.88 10.44 -22.92
C LEU A 425 -12.55 9.15 -22.44
N TYR A 426 -12.17 8.67 -21.26
CA TYR A 426 -12.67 7.38 -20.79
C TYR A 426 -14.20 7.34 -20.69
N PRO A 427 -14.88 8.36 -20.15
CA PRO A 427 -16.35 8.31 -20.14
C PRO A 427 -16.95 8.16 -21.53
N CYS A 428 -16.44 8.91 -22.51
CA CYS A 428 -16.98 8.81 -23.87
C CYS A 428 -16.73 7.43 -24.46
N ALA A 429 -15.55 6.86 -24.25
CA ALA A 429 -15.26 5.53 -24.76
C ALA A 429 -16.15 4.49 -24.12
N SER A 430 -16.34 4.57 -22.79
CA SER A 430 -17.22 3.62 -22.11
C SER A 430 -18.64 3.75 -22.62
N LEU A 431 -19.12 4.98 -22.82
CA LEU A 431 -20.47 5.17 -23.34
C LEU A 431 -20.60 4.61 -24.75
N LEU A 432 -19.59 4.82 -25.59
CA LEU A 432 -19.64 4.30 -26.95
C LEU A 432 -19.69 2.78 -26.96
N ALA A 433 -18.85 2.14 -26.13
CA ALA A 433 -18.87 0.69 -26.05
C ALA A 433 -20.21 0.18 -25.51
N PHE A 434 -20.77 0.86 -24.51
CA PHE A 434 -22.05 0.46 -23.95
C PHE A 434 -23.16 0.57 -24.99
N ALA A 435 -23.14 1.65 -25.78
CA ALA A 435 -24.12 1.79 -26.84
C ALA A 435 -23.94 0.74 -27.93
N SER A 436 -22.69 0.41 -28.24
CA SER A 436 -22.42 -0.63 -29.24
C SER A 436 -22.98 -1.98 -28.77
N THR A 437 -22.82 -2.28 -27.48
CA THR A 437 -23.34 -3.55 -26.97
C THR A 437 -24.83 -3.70 -27.23
N CYS A 438 -25.56 -2.59 -27.30
CA CYS A 438 -26.99 -2.62 -27.56
C CYS A 438 -27.33 -2.52 -29.04
N LEU A 439 -26.51 -1.80 -29.82
CA LEU A 439 -26.78 -1.57 -31.23
C LEU A 439 -25.90 -2.37 -32.17
N LEU A 440 -24.72 -2.79 -31.73
CA LEU A 440 -23.78 -3.57 -32.52
C LEU A 440 -23.27 -4.76 -31.72
N SER A 441 -24.22 -5.51 -31.15
CA SER A 441 -23.89 -6.60 -30.25
C SER A 441 -22.85 -7.55 -30.83
N ARG A 442 -23.02 -7.93 -32.10
CA ARG A 442 -22.14 -8.92 -32.70
C ARG A 442 -20.69 -8.45 -32.72
N PHE A 443 -20.46 -7.14 -32.78
CA PHE A 443 -19.12 -6.58 -32.78
C PHE A 443 -18.73 -5.94 -31.47
N SER A 444 -19.57 -6.03 -30.44
CA SER A 444 -19.36 -5.23 -29.22
C SER A 444 -18.10 -5.66 -28.48
N VAL A 445 -17.84 -6.97 -28.41
CA VAL A 445 -16.66 -7.45 -27.67
C VAL A 445 -15.39 -6.99 -28.37
N GLY A 446 -15.37 -7.11 -29.70
CA GLY A 446 -14.22 -6.61 -30.44
C GLY A 446 -14.04 -5.12 -30.28
N ILE A 447 -15.13 -4.37 -30.25
CA ILE A 447 -15.06 -2.94 -30.03
C ILE A 447 -14.48 -2.65 -28.65
N PHE A 448 -14.87 -3.45 -27.66
CA PHE A 448 -14.34 -3.29 -26.30
C PHE A 448 -12.83 -3.48 -26.28
N HIS A 449 -12.35 -4.55 -26.92
CA HIS A 449 -10.90 -4.78 -26.95
C HIS A 449 -10.18 -3.68 -27.73
N LEU A 450 -10.77 -3.26 -28.84
CA LEU A 450 -10.18 -2.18 -29.63
C LEU A 450 -10.10 -0.90 -28.81
N MET A 451 -11.11 -0.65 -27.97
CA MET A 451 -11.06 0.51 -27.08
C MET A 451 -9.97 0.36 -26.03
N GLN A 452 -9.84 -0.84 -25.46
CA GLN A 452 -8.77 -1.07 -24.49
C GLN A 452 -7.40 -0.80 -25.10
N ILE A 453 -7.23 -1.04 -26.41
CA ILE A 453 -5.97 -0.71 -27.06
C ILE A 453 -5.89 0.77 -27.39
N ALA A 454 -7.01 1.35 -27.83
CA ALA A 454 -7.00 2.70 -28.40
C ALA A 454 -6.82 3.76 -27.33
N VAL A 455 -7.53 3.65 -26.21
CA VAL A 455 -7.53 4.72 -25.21
C VAL A 455 -6.12 5.06 -24.76
N PRO A 456 -5.25 4.10 -24.43
CA PRO A 456 -3.85 4.46 -24.13
C PRO A 456 -3.16 5.20 -25.25
N CYS A 457 -3.40 4.79 -26.50
CA CYS A 457 -2.81 5.50 -27.64
C CYS A 457 -3.33 6.91 -27.74
N ALA A 458 -4.63 7.11 -27.50
CA ALA A 458 -5.19 8.46 -27.52
C ALA A 458 -4.58 9.33 -26.43
N PHE A 459 -4.41 8.78 -25.23
CA PHE A 459 -3.70 9.51 -24.18
C PHE A 459 -2.28 9.87 -24.62
N LEU A 460 -1.63 8.94 -25.33
CA LEU A 460 -0.27 9.20 -25.80
C LEU A 460 -0.23 10.34 -26.81
N LEU A 461 -1.19 10.40 -27.73
CA LEU A 461 -1.23 11.40 -28.78
C LEU A 461 -2.35 12.41 -28.57
N LEU A 462 -2.71 12.67 -27.32
CA LEU A 462 -3.86 13.53 -27.05
C LEU A 462 -3.64 14.95 -27.55
N ARG A 463 -2.43 15.49 -27.35
CA ARG A 463 -2.18 16.88 -27.72
C ARG A 463 -2.32 17.08 -29.23
N LEU A 464 -1.72 16.19 -30.02
CA LEU A 464 -1.81 16.31 -31.47
C LEU A 464 -3.25 16.16 -31.95
N LEU A 465 -3.97 15.19 -31.37
CA LEU A 465 -5.36 15.00 -31.76
C LEU A 465 -6.21 16.23 -31.42
N VAL A 466 -5.98 16.83 -30.26
CA VAL A 466 -6.71 18.02 -29.86
C VAL A 466 -6.43 19.16 -30.84
N GLY A 467 -5.15 19.34 -31.17
CA GLY A 467 -4.79 20.38 -32.13
C GLY A 467 -5.43 20.15 -33.49
N LEU A 468 -5.42 18.90 -33.95
CA LEU A 468 -6.03 18.57 -35.24
C LEU A 468 -7.51 18.87 -35.23
N ALA A 469 -8.21 18.47 -34.16
CA ALA A 469 -9.65 18.72 -34.08
C ALA A 469 -9.93 20.21 -34.03
N LEU A 470 -9.14 20.97 -33.27
CA LEU A 470 -9.35 22.41 -33.19
C LEU A 470 -9.16 23.07 -34.54
N ALA A 471 -8.10 22.69 -35.26
CA ALA A 471 -7.87 23.24 -36.59
C ALA A 471 -8.99 22.87 -37.55
N THR A 472 -9.45 21.61 -37.49
CA THR A 472 -10.52 21.16 -38.37
C THR A 472 -11.79 21.95 -38.14
N LEU A 473 -12.14 22.19 -36.86
CA LEU A 473 -13.33 22.98 -36.58
C LEU A 473 -13.10 24.45 -36.94
N ARG A 474 -11.86 24.93 -36.84
CA ARG A 474 -11.56 26.31 -37.22
C ARG A 474 -11.82 26.52 -38.71
N VAL A 475 -11.32 25.61 -39.55
CA VAL A 475 -11.55 25.74 -40.99
C VAL A 475 -13.03 25.52 -41.30
N LEU A 476 -13.67 24.59 -40.61
CA LEU A 476 -15.09 24.31 -40.83
C LEU A 476 -15.95 25.42 -40.22
N ILE B 30 5.04 21.04 -19.05
CA ILE B 30 6.05 20.53 -18.13
C ILE B 30 5.56 20.67 -16.69
N GLN B 31 5.88 19.69 -15.87
CA GLN B 31 5.23 19.53 -14.58
C GLN B 31 6.27 19.17 -13.52
N CYS B 32 5.93 19.47 -12.26
CA CYS B 32 6.69 18.94 -11.13
C CYS B 32 6.51 17.43 -11.02
N SER B 33 7.58 16.74 -10.64
CA SER B 33 7.61 15.28 -10.65
C SER B 33 7.29 14.64 -9.30
N GLN B 34 7.01 15.43 -8.25
CA GLN B 34 6.91 14.88 -6.91
C GLN B 34 5.78 13.86 -6.79
N ARG B 35 4.60 14.16 -7.32
CA ARG B 35 3.49 13.24 -7.14
C ARG B 35 3.70 11.95 -7.91
N MET B 36 4.26 12.05 -9.12
CA MET B 36 4.54 10.85 -9.91
C MET B 36 5.54 9.96 -9.20
N LEU B 37 6.60 10.55 -8.63
CA LEU B 37 7.59 9.75 -7.91
C LEU B 37 6.99 9.14 -6.64
N SER B 38 6.11 9.86 -5.96
CA SER B 38 5.44 9.27 -4.79
C SER B 38 4.59 8.06 -5.21
N PHE B 39 3.85 8.19 -6.32
CA PHE B 39 3.07 7.07 -6.83
C PHE B 39 3.95 5.88 -7.17
N SER B 40 5.09 6.16 -7.82
CA SER B 40 6.03 5.09 -8.16
C SER B 40 6.57 4.41 -6.92
N ASP B 41 6.88 5.20 -5.88
CA ASP B 41 7.37 4.63 -4.63
C ASP B 41 6.32 3.73 -4.00
N ALA B 42 5.05 4.15 -4.00
CA ALA B 42 3.99 3.31 -3.46
C ALA B 42 3.89 1.99 -4.22
N LEU B 43 3.89 2.05 -5.56
CA LEU B 43 3.83 0.82 -6.34
C LEU B 43 5.02 -0.09 -6.04
N LEU B 44 6.23 0.48 -6.01
CA LEU B 44 7.42 -0.32 -5.77
C LEU B 44 7.40 -0.96 -4.39
N SER B 45 6.92 -0.22 -3.38
CA SER B 45 6.78 -0.78 -2.05
C SER B 45 5.80 -1.94 -2.04
N ILE B 46 4.69 -1.84 -2.77
CA ILE B 46 3.77 -2.96 -2.85
C ILE B 46 4.45 -4.17 -3.51
N ILE B 47 5.17 -3.94 -4.60
CA ILE B 47 5.78 -5.05 -5.34
C ILE B 47 6.89 -5.70 -4.52
N ALA B 48 7.66 -4.89 -3.79
CA ALA B 48 8.77 -5.44 -3.00
C ALA B 48 8.29 -6.38 -1.89
N THR B 49 7.04 -6.23 -1.44
CA THR B 49 6.50 -7.02 -0.35
C THR B 49 5.54 -8.11 -0.79
N VAL B 50 5.45 -8.38 -2.09
CA VAL B 50 4.47 -9.35 -2.58
C VAL B 50 4.74 -10.74 -2.02
N MET B 51 6.03 -11.11 -1.93
CA MET B 51 6.40 -12.46 -1.53
C MET B 51 6.40 -12.67 -0.02
N ILE B 52 5.88 -11.73 0.76
CA ILE B 52 5.73 -11.97 2.18
C ILE B 52 4.40 -12.66 2.48
N LEU B 53 3.40 -12.43 1.64
CA LEU B 53 2.09 -13.07 1.84
C LEU B 53 2.18 -14.59 1.86
N PRO B 54 2.90 -15.25 0.95
CA PRO B 54 3.07 -16.70 1.07
C PRO B 54 3.69 -17.13 2.39
N VAL B 55 4.63 -16.32 2.91
CA VAL B 55 5.28 -16.66 4.17
C VAL B 55 4.30 -16.60 5.33
N THR B 56 3.53 -15.52 5.43
CA THR B 56 2.57 -15.37 6.52
C THR B 56 1.35 -16.24 6.35
N HIS B 57 1.00 -16.60 5.12
CA HIS B 57 -0.12 -17.49 4.86
C HIS B 57 0.25 -18.96 5.02
N THR B 58 1.51 -19.26 5.30
CA THR B 58 1.89 -20.62 5.64
C THR B 58 1.20 -21.05 6.92
N GLU B 59 0.66 -22.26 6.91
CA GLU B 59 -0.15 -22.74 8.03
C GLU B 59 0.72 -23.54 9.00
N ILE B 60 0.65 -23.17 10.28
CA ILE B 60 1.38 -23.89 11.32
C ILE B 60 0.66 -25.22 11.53
N SER B 61 1.25 -26.30 11.03
CA SER B 61 0.60 -27.60 11.10
C SER B 61 0.55 -28.09 12.54
N PRO B 62 -0.52 -28.78 12.95
CA PRO B 62 -0.57 -29.32 14.32
C PRO B 62 0.26 -30.58 14.48
N GLU B 63 0.49 -31.29 13.37
CA GLU B 63 1.24 -32.54 13.39
C GLU B 63 2.73 -32.23 13.34
N GLN B 64 3.44 -32.53 14.43
CA GLN B 64 4.88 -32.27 14.47
C GLN B 64 5.64 -33.19 13.52
N GLN B 65 5.09 -34.36 13.20
CA GLN B 65 5.78 -35.29 12.33
C GLN B 65 5.99 -34.74 10.93
N PHE B 66 5.17 -33.79 10.51
CA PHE B 66 5.34 -33.15 9.20
C PHE B 66 6.36 -32.02 9.25
N ASP B 67 6.88 -31.67 10.43
CA ASP B 67 7.69 -30.47 10.58
C ASP B 67 8.81 -30.42 9.55
N ARG B 68 9.56 -31.52 9.41
CA ARG B 68 10.69 -31.52 8.49
C ARG B 68 10.30 -31.01 7.12
N SER B 69 9.17 -31.48 6.60
CA SER B 69 8.69 -30.97 5.31
C SER B 69 8.29 -29.51 5.42
N VAL B 70 7.45 -29.18 6.40
CA VAL B 70 6.88 -27.84 6.49
C VAL B 70 7.99 -26.80 6.59
N GLN B 71 8.93 -27.02 7.51
CA GLN B 71 10.07 -26.12 7.64
C GLN B 71 10.74 -25.92 6.28
N ARG B 72 11.02 -27.02 5.58
CA ARG B 72 11.69 -26.91 4.29
C ARG B 72 10.95 -25.97 3.37
N LEU B 73 9.62 -26.03 3.38
CA LEU B 73 8.84 -25.09 2.58
C LEU B 73 9.02 -23.67 3.11
N LEU B 74 8.79 -23.47 4.41
CA LEU B 74 8.77 -22.12 4.95
C LEU B 74 10.08 -21.40 4.69
N ALA B 75 11.20 -22.03 5.05
CA ALA B 75 12.51 -21.43 4.80
C ALA B 75 12.62 -21.01 3.34
N THR B 76 12.26 -21.90 2.41
CA THR B 76 12.35 -21.55 1.01
C THR B 76 11.50 -20.31 0.72
N ARG B 77 10.25 -20.30 1.20
CA ARG B 77 9.39 -19.14 0.97
C ARG B 77 10.01 -17.89 1.58
N ILE B 78 10.73 -18.03 2.69
CA ILE B 78 11.44 -16.89 3.26
C ILE B 78 12.55 -16.46 2.32
N ALA B 79 13.38 -17.41 1.88
CA ALA B 79 14.52 -17.05 1.04
C ALA B 79 14.08 -16.27 -0.19
N VAL B 80 13.08 -16.78 -0.91
CA VAL B 80 12.57 -16.07 -2.07
C VAL B 80 12.16 -14.66 -1.67
N TYR B 81 11.39 -14.53 -0.59
CA TYR B 81 10.97 -13.21 -0.14
C TYR B 81 12.16 -12.29 0.02
N LEU B 82 13.25 -12.79 0.61
CA LEU B 82 14.42 -11.94 0.81
C LEU B 82 15.06 -11.57 -0.52
N MET B 83 15.14 -12.52 -1.45
CA MET B 83 15.73 -12.20 -2.75
C MET B 83 14.88 -11.18 -3.50
N THR B 84 13.59 -11.45 -3.64
CA THR B 84 12.71 -10.55 -4.38
C THR B 84 12.80 -9.13 -3.82
N PHE B 85 12.63 -8.98 -2.51
CA PHE B 85 12.69 -7.66 -1.89
C PHE B 85 13.99 -6.95 -2.28
N LEU B 86 15.11 -7.69 -2.32
CA LEU B 86 16.36 -7.08 -2.75
C LEU B 86 16.30 -6.68 -4.21
N ILE B 87 15.90 -7.61 -5.09
CA ILE B 87 15.93 -7.33 -6.52
C ILE B 87 15.07 -6.12 -6.84
N VAL B 88 13.83 -6.11 -6.37
CA VAL B 88 12.97 -4.95 -6.58
C VAL B 88 13.63 -3.70 -6.02
N THR B 89 14.21 -3.80 -4.82
CA THR B 89 14.89 -2.64 -4.25
C THR B 89 15.92 -2.09 -5.22
N VAL B 90 16.73 -2.96 -5.82
CA VAL B 90 17.71 -2.50 -6.78
C VAL B 90 17.02 -1.70 -7.88
N ALA B 91 15.95 -2.26 -8.45
CA ALA B 91 15.19 -1.53 -9.45
C ALA B 91 14.76 -0.19 -8.91
N TRP B 92 14.14 -0.17 -7.72
CA TRP B 92 13.74 1.09 -7.11
C TRP B 92 14.92 2.05 -7.07
N ALA B 93 16.07 1.57 -6.59
CA ALA B 93 17.24 2.44 -6.51
C ALA B 93 17.56 3.02 -7.87
N ALA B 94 17.59 2.19 -8.91
CA ALA B 94 17.87 2.69 -10.25
C ALA B 94 16.86 3.77 -10.62
N HIS B 95 15.58 3.51 -10.37
CA HIS B 95 14.56 4.51 -10.63
C HIS B 95 14.92 5.81 -9.91
N THR B 96 15.24 5.72 -8.61
CA THR B 96 15.58 6.92 -7.86
C THR B 96 16.71 7.69 -8.52
N ARG B 97 17.67 6.99 -9.11
CA ARG B 97 18.76 7.67 -9.78
C ARG B 97 18.31 8.27 -11.11
N LEU B 98 17.51 7.52 -11.88
CA LEU B 98 17.09 7.99 -13.19
C LEU B 98 16.44 9.36 -13.09
N PHE B 99 15.50 9.52 -12.17
CA PHE B 99 14.77 10.76 -12.04
C PHE B 99 15.48 11.78 -11.17
N GLN B 100 16.68 11.47 -10.67
CA GLN B 100 17.58 12.53 -10.26
C GLN B 100 18.16 13.23 -11.47
N VAL B 101 18.23 12.54 -12.61
CA VAL B 101 18.74 13.13 -13.84
C VAL B 101 17.63 13.70 -14.72
N VAL B 102 16.38 13.29 -14.49
CA VAL B 102 15.21 13.85 -15.15
C VAL B 102 14.42 14.57 -14.06
N GLY B 103 14.62 15.88 -13.95
CA GLY B 103 14.01 16.61 -12.86
C GLY B 103 12.51 16.80 -13.05
N LYS B 104 12.13 17.53 -14.10
CA LYS B 104 10.74 17.83 -14.39
C LYS B 104 10.19 16.81 -15.37
N THR B 105 8.92 16.48 -15.21
CA THR B 105 8.24 15.46 -16.00
C THR B 105 7.20 16.09 -16.93
N ASP B 106 6.72 15.28 -17.86
CA ASP B 106 5.65 15.68 -18.77
C ASP B 106 4.73 14.47 -18.95
N ASP B 107 3.75 14.61 -19.85
CA ASP B 107 2.78 13.54 -20.06
C ASP B 107 3.45 12.27 -20.57
N THR B 108 4.32 12.41 -21.58
CA THR B 108 4.99 11.26 -22.16
C THR B 108 5.82 10.53 -21.12
N LEU B 109 6.54 11.28 -20.29
CA LEU B 109 7.37 10.65 -19.26
C LEU B 109 6.51 9.97 -18.20
N ALA B 110 5.36 10.53 -17.86
CA ALA B 110 4.47 9.85 -16.92
C ALA B 110 3.98 8.53 -17.48
N LEU B 111 3.57 8.51 -18.75
CA LEU B 111 3.12 7.27 -19.36
C LEU B 111 4.26 6.25 -19.43
N LEU B 112 5.46 6.71 -19.79
CA LEU B 112 6.61 5.82 -19.84
C LEU B 112 6.95 5.26 -18.46
N ASN B 113 6.81 6.09 -17.43
CA ASN B 113 7.05 5.62 -16.07
C ASN B 113 6.01 4.58 -15.66
N LEU B 114 4.76 4.76 -16.09
CA LEU B 114 3.76 3.73 -15.87
C LEU B 114 4.15 2.42 -16.53
N ALA B 115 4.66 2.49 -17.76
CA ALA B 115 5.15 1.29 -18.42
C ALA B 115 6.29 0.64 -17.65
N CYS B 116 7.21 1.46 -17.13
CA CYS B 116 8.33 0.93 -16.35
C CYS B 116 7.83 0.25 -15.07
N MET B 117 6.88 0.87 -14.38
CA MET B 117 6.29 0.24 -13.19
C MET B 117 5.66 -1.09 -13.55
N MET B 118 4.93 -1.13 -14.67
CA MET B 118 4.31 -2.38 -15.08
C MET B 118 5.35 -3.45 -15.33
N THR B 119 6.45 -3.09 -15.98
CA THR B 119 7.51 -4.06 -16.21
C THR B 119 8.10 -4.55 -14.90
N ILE B 120 8.31 -3.65 -13.94
CA ILE B 120 8.91 -4.04 -12.67
C ILE B 120 7.98 -4.99 -11.91
N THR B 121 6.67 -4.82 -12.06
CA THR B 121 5.73 -5.64 -11.31
C THR B 121 5.87 -7.14 -11.60
N PHE B 122 6.53 -7.52 -12.70
CA PHE B 122 6.66 -8.92 -13.06
C PHE B 122 7.95 -9.57 -12.56
N LEU B 123 8.81 -8.83 -11.89
CA LEU B 123 10.07 -9.38 -11.41
C LEU B 123 9.83 -10.48 -10.39
N PRO B 124 8.98 -10.25 -9.37
CA PRO B 124 8.75 -11.31 -8.38
C PRO B 124 8.25 -12.61 -8.98
N TYR B 125 7.28 -12.54 -9.88
CA TYR B 125 6.72 -13.76 -10.46
C TYR B 125 7.78 -14.51 -11.27
N THR B 126 8.55 -13.78 -12.08
CA THR B 126 9.56 -14.43 -12.91
C THR B 126 10.67 -15.04 -12.07
N PHE B 127 11.11 -14.34 -11.01
CA PHE B 127 12.13 -14.92 -10.14
C PHE B 127 11.60 -16.15 -9.42
N SER B 128 10.36 -16.09 -8.92
CA SER B 128 9.76 -17.24 -8.27
C SER B 128 9.64 -18.43 -9.21
N LEU B 129 9.26 -18.20 -10.46
CA LEU B 129 9.22 -19.24 -11.47
C LEU B 129 10.59 -19.80 -11.81
N MET B 130 11.60 -18.94 -11.88
CA MET B 130 12.97 -19.40 -12.13
C MET B 130 13.45 -20.31 -11.01
N VAL B 131 13.18 -19.94 -9.75
CA VAL B 131 13.62 -20.78 -8.64
C VAL B 131 12.78 -22.05 -8.55
N THR B 132 11.51 -21.99 -8.96
CA THR B 132 10.64 -23.15 -8.86
C THR B 132 10.95 -24.18 -9.94
N PHE B 133 11.47 -23.74 -11.09
CA PHE B 133 11.80 -24.63 -12.20
C PHE B 133 13.24 -24.38 -12.62
N PRO B 134 14.21 -24.79 -11.79
CA PRO B 134 15.62 -24.53 -12.11
C PRO B 134 16.08 -25.12 -13.44
N ASP B 135 15.60 -26.30 -13.81
CA ASP B 135 16.10 -27.00 -14.99
C ASP B 135 15.38 -26.63 -16.28
N VAL B 136 14.34 -25.80 -16.21
CA VAL B 136 13.63 -25.34 -17.38
C VAL B 136 14.25 -24.02 -17.83
N PRO B 137 14.81 -23.93 -19.03
CA PRO B 137 15.48 -22.68 -19.44
C PRO B 137 14.53 -21.52 -19.63
N LEU B 138 13.22 -21.76 -19.66
CA LEU B 138 12.28 -20.68 -19.94
C LEU B 138 12.18 -19.70 -18.77
N GLY B 139 12.36 -20.18 -17.53
CA GLY B 139 12.25 -19.28 -16.39
C GLY B 139 13.32 -18.20 -16.38
N ILE B 140 14.58 -18.59 -16.60
CA ILE B 140 15.65 -17.62 -16.66
C ILE B 140 15.44 -16.68 -17.84
N PHE B 141 14.91 -17.22 -18.95
CA PHE B 141 14.63 -16.39 -20.11
C PHE B 141 13.60 -15.32 -19.78
N LEU B 142 12.52 -15.70 -19.09
CA LEU B 142 11.49 -14.74 -18.72
C LEU B 142 12.04 -13.68 -17.78
N PHE B 143 12.81 -14.10 -16.77
CA PHE B 143 13.36 -13.13 -15.82
C PHE B 143 14.30 -12.15 -16.52
N CYS B 144 15.19 -12.67 -17.37
CA CYS B 144 16.12 -11.82 -18.09
C CYS B 144 15.39 -10.88 -19.04
N VAL B 145 14.31 -11.36 -19.67
CA VAL B 145 13.55 -10.52 -20.58
C VAL B 145 12.86 -9.40 -19.82
N CYS B 146 12.34 -9.68 -18.62
CA CYS B 146 11.76 -8.62 -17.82
C CYS B 146 12.81 -7.57 -17.44
N VAL B 147 14.01 -8.02 -17.05
CA VAL B 147 15.08 -7.08 -16.73
C VAL B 147 15.41 -6.22 -17.93
N ILE B 148 15.53 -6.86 -19.11
CA ILE B 148 15.85 -6.13 -20.34
C ILE B 148 14.78 -5.12 -20.67
N ALA B 149 13.51 -5.49 -20.46
CA ALA B 149 12.42 -4.56 -20.73
C ALA B 149 12.47 -3.35 -19.80
N ILE B 150 12.77 -3.59 -18.52
CA ILE B 150 12.96 -2.46 -17.61
C ILE B 150 14.05 -1.54 -18.13
N GLY B 151 15.19 -2.12 -18.50
CA GLY B 151 16.28 -1.30 -19.02
C GLY B 151 15.89 -0.53 -20.27
N VAL B 152 15.13 -1.17 -21.16
CA VAL B 152 14.73 -0.53 -22.41
C VAL B 152 13.81 0.66 -22.13
N VAL B 153 12.84 0.49 -21.24
CA VAL B 153 11.95 1.60 -20.93
C VAL B 153 12.71 2.75 -20.27
N GLN B 154 13.63 2.44 -19.36
CA GLN B 154 14.39 3.51 -18.73
C GLN B 154 15.30 4.22 -19.74
N ALA B 155 15.89 3.48 -20.68
CA ALA B 155 16.67 4.12 -21.74
C ALA B 155 15.80 4.99 -22.63
N LEU B 156 14.57 4.57 -22.90
CA LEU B 156 13.63 5.42 -23.65
C LEU B 156 13.36 6.70 -22.90
N ILE B 157 13.16 6.60 -21.57
CA ILE B 157 12.95 7.80 -20.76
C ILE B 157 14.15 8.73 -20.87
N VAL B 158 15.35 8.18 -20.76
CA VAL B 158 16.56 8.99 -20.82
C VAL B 158 16.67 9.68 -22.18
N GLY B 159 16.43 8.93 -23.25
CA GLY B 159 16.52 9.52 -24.57
C GLY B 159 15.50 10.62 -24.80
N TYR B 160 14.27 10.41 -24.33
CA TYR B 160 13.24 11.44 -24.46
C TYR B 160 13.63 12.68 -23.68
N ALA B 161 14.12 12.52 -22.45
CA ALA B 161 14.48 13.66 -21.63
C ALA B 161 15.68 14.42 -22.19
N PHE B 162 16.60 13.73 -22.86
CA PHE B 162 17.73 14.41 -23.48
C PHE B 162 17.37 15.03 -24.83
N HIS B 163 16.36 14.51 -25.51
CA HIS B 163 15.87 15.18 -26.71
C HIS B 163 15.18 16.50 -26.36
N PHE B 164 14.52 16.54 -25.21
CA PHE B 164 13.93 17.76 -24.67
C PHE B 164 14.75 18.20 -23.45
N PRO B 165 15.82 18.97 -23.65
CA PRO B 165 16.74 19.25 -22.54
C PRO B 165 16.11 19.95 -21.36
N HIS B 166 15.05 20.72 -21.56
CA HIS B 166 14.45 21.46 -20.46
C HIS B 166 13.84 20.55 -19.40
N LEU B 167 13.65 19.26 -19.70
CA LEU B 167 13.19 18.29 -18.71
C LEU B 167 14.31 17.75 -17.85
N LEU B 168 15.56 18.10 -18.14
CA LEU B 168 16.69 17.63 -17.35
C LEU B 168 16.88 18.50 -16.12
N SER B 169 17.58 17.93 -15.14
CA SER B 169 17.92 18.68 -13.94
C SER B 169 18.91 19.80 -14.28
N PRO B 170 18.87 20.91 -13.55
CA PRO B 170 19.72 22.06 -13.94
C PRO B 170 21.20 21.74 -13.96
N GLN B 171 21.69 20.92 -13.02
CA GLN B 171 23.10 20.59 -13.02
C GLN B 171 23.49 19.70 -14.20
N ILE B 172 22.52 19.07 -14.85
CA ILE B 172 22.80 18.25 -16.03
C ILE B 172 22.67 19.05 -17.32
N GLN B 173 22.04 20.22 -17.28
CA GLN B 173 21.85 21.04 -18.48
C GLN B 173 22.94 22.09 -18.58
N GLU B 254 26.05 9.70 -5.90
CA GLU B 254 26.23 8.86 -4.73
C GLU B 254 25.05 8.98 -3.77
N PRO B 255 24.74 10.20 -3.31
CA PRO B 255 23.61 10.36 -2.40
C PRO B 255 22.30 9.89 -3.02
N LEU B 256 21.46 9.29 -2.20
CA LEU B 256 20.10 8.91 -2.60
C LEU B 256 19.12 9.98 -2.14
N SER B 257 18.12 10.25 -2.96
CA SER B 257 17.07 11.20 -2.60
C SER B 257 16.38 10.76 -1.32
N LYS B 258 16.56 11.56 -0.26
CA LYS B 258 15.92 11.26 1.02
C LYS B 258 14.39 11.15 0.85
N GLU B 259 13.84 11.90 -0.11
CA GLU B 259 12.41 11.85 -0.38
C GLU B 259 11.98 10.42 -0.70
N ARG B 260 12.66 9.81 -1.66
CA ARG B 260 12.27 8.49 -2.14
C ARG B 260 12.50 7.44 -1.06
N VAL B 261 13.61 7.55 -0.33
CA VAL B 261 13.88 6.60 0.76
C VAL B 261 12.74 6.66 1.78
N GLU B 262 12.36 7.86 2.18
CA GLU B 262 11.29 7.99 3.17
C GLU B 262 9.97 7.43 2.64
N ALA B 263 9.61 7.75 1.40
CA ALA B 263 8.34 7.26 0.87
C ALA B 263 8.32 5.73 0.78
N PHE B 264 9.39 5.15 0.26
CA PHE B 264 9.47 3.70 0.12
C PHE B 264 9.40 3.02 1.48
N SER B 265 10.15 3.53 2.46
CA SER B 265 10.14 2.95 3.79
C SER B 265 8.75 3.06 4.42
N ASP B 266 8.10 4.21 4.25
CA ASP B 266 6.76 4.40 4.80
C ASP B 266 5.79 3.38 4.22
N GLY B 267 5.83 3.18 2.90
CA GLY B 267 4.96 2.19 2.29
C GLY B 267 5.21 0.79 2.81
N VAL B 268 6.47 0.40 2.91
CA VAL B 268 6.80 -0.94 3.43
C VAL B 268 6.28 -1.08 4.85
N TYR B 269 6.50 -0.06 5.68
CA TYR B 269 6.07 -0.13 7.08
C TYR B 269 4.56 -0.27 7.18
N ALA B 270 3.81 0.50 6.39
CA ALA B 270 2.35 0.42 6.43
C ALA B 270 1.87 -0.97 6.02
N ILE B 271 2.44 -1.52 4.95
CA ILE B 271 2.04 -2.85 4.50
C ILE B 271 2.30 -3.88 5.59
N VAL B 272 3.50 -3.84 6.18
CA VAL B 272 3.85 -4.84 7.18
C VAL B 272 2.98 -4.69 8.42
N ALA B 273 2.63 -3.46 8.78
CA ALA B 273 1.80 -3.24 9.96
C ALA B 273 0.37 -3.72 9.75
N THR B 274 -0.15 -3.63 8.52
CA THR B 274 -1.55 -4.01 8.25
C THR B 274 -1.73 -5.40 7.66
N LEU B 275 -0.64 -6.16 7.45
CA LEU B 275 -0.79 -7.51 6.90
C LEU B 275 -1.79 -8.35 7.69
N LEU B 276 -1.61 -8.42 9.00
CA LEU B 276 -2.40 -9.35 9.80
C LEU B 276 -3.85 -8.92 9.90
N ILE B 277 -4.12 -7.62 9.96
CA ILE B 277 -5.50 -7.16 10.00
C ILE B 277 -6.18 -7.41 8.66
N LEU B 278 -5.44 -7.28 7.55
CA LEU B 278 -6.01 -7.65 6.26
C LEU B 278 -6.41 -9.12 6.26
N ASP B 279 -5.52 -9.98 6.74
CA ASP B 279 -5.83 -11.41 6.78
C ASP B 279 -7.03 -11.69 7.68
N ILE B 280 -7.10 -11.02 8.84
CA ILE B 280 -8.22 -11.22 9.75
C ILE B 280 -9.52 -10.79 9.10
N CYS B 281 -9.54 -9.62 8.47
CA CYS B 281 -10.74 -9.11 7.83
C CYS B 281 -11.20 -10.02 6.69
N GLU B 282 -10.28 -10.70 6.02
CA GLU B 282 -10.70 -11.64 4.98
C GLU B 282 -11.22 -12.95 5.57
N ASP B 283 -10.47 -13.54 6.51
CA ASP B 283 -10.70 -14.93 6.87
C ASP B 283 -11.54 -15.09 8.13
N ASN B 284 -11.37 -14.23 9.14
CA ASN B 284 -11.81 -14.53 10.50
C ASN B 284 -13.04 -13.73 10.93
N VAL B 285 -14.02 -13.55 10.04
CA VAL B 285 -15.35 -13.12 10.43
C VAL B 285 -16.22 -14.36 10.57
N PRO B 286 -16.74 -14.67 11.76
CA PRO B 286 -17.35 -15.99 11.96
C PRO B 286 -18.49 -16.26 10.98
N ASP B 287 -18.56 -17.49 10.51
CA ASP B 287 -19.68 -17.91 9.69
C ASP B 287 -20.94 -17.99 10.55
N PRO B 288 -22.07 -17.45 10.09
CA PRO B 288 -23.28 -17.54 10.91
C PRO B 288 -23.67 -18.97 11.27
N LYS B 289 -23.42 -19.93 10.37
CA LYS B 289 -23.72 -21.32 10.67
C LYS B 289 -22.72 -21.90 11.67
N ASP B 290 -21.46 -21.50 11.55
CA ASP B 290 -20.44 -22.01 12.48
C ASP B 290 -20.74 -21.59 13.91
N VAL B 291 -21.19 -20.35 14.10
CA VAL B 291 -21.49 -19.81 15.42
C VAL B 291 -22.59 -20.66 16.06
N LYS B 292 -23.37 -21.35 15.24
CA LYS B 292 -24.48 -22.16 15.76
C LYS B 292 -24.00 -23.49 16.30
N GLU B 293 -23.36 -24.30 15.45
CA GLU B 293 -23.05 -25.67 15.82
C GLU B 293 -21.75 -25.78 16.62
N ARG B 294 -20.67 -25.20 16.13
CA ARG B 294 -19.36 -25.33 16.76
C ARG B 294 -19.15 -24.34 17.89
N PHE B 295 -20.12 -23.45 18.17
CA PHE B 295 -20.00 -22.52 19.27
C PHE B 295 -21.30 -22.35 20.04
N SER B 296 -22.30 -23.18 19.78
CA SER B 296 -23.54 -23.18 20.57
C SER B 296 -24.24 -21.83 20.53
N GLY B 297 -24.14 -21.13 19.40
CA GLY B 297 -24.87 -19.90 19.19
C GLY B 297 -24.24 -18.66 19.81
N SER B 298 -23.08 -18.78 20.44
CA SER B 298 -22.45 -17.66 21.12
C SER B 298 -21.46 -16.99 20.18
N LEU B 299 -21.78 -15.76 19.74
CA LEU B 299 -20.81 -14.96 19.00
C LEU B 299 -19.65 -14.57 19.89
N VAL B 300 -19.90 -14.39 21.20
CA VAL B 300 -18.82 -14.05 22.13
C VAL B 300 -17.74 -15.12 22.11
N ALA B 301 -18.16 -16.39 22.22
CA ALA B 301 -17.21 -17.51 22.22
C ALA B 301 -16.49 -17.67 20.90
N ALA B 302 -17.18 -17.51 19.77
CA ALA B 302 -16.52 -17.59 18.47
C ALA B 302 -15.51 -16.48 18.27
N LEU B 303 -15.80 -15.27 18.76
CA LEU B 303 -14.81 -14.20 18.70
C LEU B 303 -13.63 -14.49 19.64
N SER B 304 -13.92 -15.01 20.83
CA SER B 304 -12.86 -15.31 21.78
C SER B 304 -11.93 -16.40 21.26
N ALA B 305 -12.45 -17.32 20.47
CA ALA B 305 -11.64 -18.35 19.83
C ALA B 305 -10.72 -17.78 18.75
N THR B 306 -10.82 -16.47 18.47
CA THR B 306 -9.96 -15.79 17.52
C THR B 306 -9.01 -14.81 18.20
N GLY B 307 -8.88 -14.89 19.52
CA GLY B 307 -8.08 -13.96 20.28
C GLY B 307 -6.61 -13.95 19.92
N PRO B 308 -6.01 -15.14 19.75
CA PRO B 308 -4.57 -15.18 19.44
C PRO B 308 -4.17 -14.38 18.21
N ARG B 309 -4.99 -14.43 17.17
CA ARG B 309 -4.68 -13.69 15.95
C ARG B 309 -4.73 -12.17 16.19
N PHE B 310 -5.70 -11.72 16.96
CA PHE B 310 -5.79 -10.29 17.29
C PHE B 310 -4.63 -9.86 18.18
N LEU B 311 -4.22 -10.70 19.12
CA LEU B 311 -3.02 -10.42 19.90
C LEU B 311 -1.79 -10.30 19.01
N ALA B 312 -1.69 -11.18 18.02
CA ALA B 312 -0.59 -11.09 17.07
C ALA B 312 -0.61 -9.77 16.30
N TYR B 313 -1.79 -9.34 15.88
CA TYR B 313 -1.89 -8.08 15.14
C TYR B 313 -1.51 -6.90 16.03
N PHE B 314 -2.12 -6.82 17.20
CA PHE B 314 -1.67 -5.94 18.27
C PHE B 314 -0.14 -5.86 18.37
N GLY B 315 0.51 -6.99 18.64
CA GLY B 315 1.95 -6.96 18.82
C GLY B 315 2.69 -6.48 17.58
N SER B 316 2.31 -7.01 16.41
CA SER B 316 3.00 -6.68 15.17
C SER B 316 2.87 -5.21 14.84
N PHE B 317 1.64 -4.69 14.91
CA PHE B 317 1.40 -3.28 14.60
C PHE B 317 2.16 -2.38 15.56
N ALA B 318 2.14 -2.71 16.86
CA ALA B 318 2.86 -1.88 17.81
C ALA B 318 4.35 -1.85 17.50
N THR B 319 4.95 -3.02 17.25
CA THR B 319 6.38 -3.09 17.00
C THR B 319 6.75 -2.38 15.70
N VAL B 320 5.98 -2.61 14.64
CA VAL B 320 6.28 -1.98 13.35
C VAL B 320 6.11 -0.47 13.46
N GLY B 321 5.05 -0.02 14.14
CA GLY B 321 4.85 1.40 14.33
C GLY B 321 5.95 2.07 15.11
N LEU B 322 6.46 1.39 16.15
CA LEU B 322 7.56 1.97 16.91
C LEU B 322 8.87 1.98 16.12
N LEU B 323 9.12 0.95 15.31
CA LEU B 323 10.27 0.99 14.43
C LEU B 323 10.15 2.12 13.42
N TRP B 324 8.95 2.32 12.87
CA TRP B 324 8.73 3.46 11.98
C TRP B 324 8.95 4.77 12.72
N PHE B 325 8.54 4.84 13.99
CA PHE B 325 8.74 6.03 14.78
C PHE B 325 10.22 6.35 14.93
N ALA B 326 11.04 5.33 15.23
CA ALA B 326 12.48 5.52 15.32
C ALA B 326 13.06 5.96 13.98
N HIS B 327 12.64 5.32 12.89
CA HIS B 327 13.13 5.67 11.57
C HIS B 327 12.76 7.11 11.20
N HIS B 328 11.53 7.50 11.52
CA HIS B 328 11.05 8.86 11.28
C HIS B 328 11.85 9.87 12.08
N SER B 329 12.11 9.58 13.35
CA SER B 329 12.92 10.48 14.16
C SER B 329 14.33 10.61 13.60
N LEU B 330 14.91 9.50 13.15
CA LEU B 330 16.26 9.56 12.58
C LEU B 330 16.28 10.42 11.32
N PHE B 331 15.38 10.14 10.37
CA PHE B 331 15.43 10.83 9.09
C PHE B 331 14.89 12.26 9.16
N LEU B 332 14.25 12.63 10.27
CA LEU B 332 13.97 14.05 10.49
C LEU B 332 15.24 14.86 10.68
N HIS B 333 16.34 14.20 11.08
CA HIS B 333 17.61 14.88 11.34
C HIS B 333 18.66 14.60 10.27
N VAL B 334 18.32 13.90 9.20
CA VAL B 334 19.28 13.51 8.18
C VAL B 334 19.35 14.62 7.14
N ARG B 335 20.55 15.20 6.98
CA ARG B 335 20.74 16.21 5.94
C ARG B 335 20.88 15.57 4.56
N LYS B 336 21.58 14.44 4.49
CA LYS B 336 21.87 13.79 3.21
C LYS B 336 21.92 12.28 3.44
N ALA B 337 21.18 11.54 2.61
CA ALA B 337 21.25 10.08 2.63
C ALA B 337 22.36 9.59 1.71
N THR B 338 22.91 8.43 2.02
CA THR B 338 24.02 7.84 1.29
C THR B 338 23.66 6.45 0.80
N ARG B 339 24.52 5.92 -0.07
CA ARG B 339 24.32 4.57 -0.59
C ARG B 339 24.42 3.52 0.52
N ALA B 340 25.42 3.67 1.40
CA ALA B 340 25.55 2.74 2.52
C ALA B 340 24.33 2.81 3.42
N MET B 341 23.86 4.02 3.71
CA MET B 341 22.66 4.19 4.53
C MET B 341 21.46 3.55 3.84
N GLY B 342 21.38 3.69 2.52
CA GLY B 342 20.30 3.03 1.78
C GLY B 342 20.36 1.52 1.88
N LEU B 343 21.55 0.95 1.78
CA LEU B 343 21.70 -0.50 1.90
C LEU B 343 21.27 -0.96 3.29
N LEU B 344 21.71 -0.25 4.33
CA LEU B 344 21.32 -0.62 5.68
C LEU B 344 19.81 -0.48 5.88
N ASN B 345 19.21 0.55 5.30
CA ASN B 345 17.75 0.72 5.39
C ASN B 345 17.04 -0.41 4.67
N THR B 346 17.56 -0.83 3.52
CA THR B 346 16.98 -1.96 2.80
C THR B 346 17.02 -3.22 3.64
N LEU B 347 18.16 -3.50 4.29
CA LEU B 347 18.25 -4.65 5.17
C LEU B 347 17.25 -4.55 6.32
N SER B 348 17.15 -3.36 6.92
CA SER B 348 16.22 -3.17 8.03
C SER B 348 14.79 -3.44 7.59
N LEU B 349 14.39 -2.91 6.43
CA LEU B 349 13.03 -3.14 5.95
C LEU B 349 12.79 -4.61 5.62
N ALA B 350 13.79 -5.27 5.02
CA ALA B 350 13.64 -6.68 4.71
C ALA B 350 13.39 -7.50 5.98
N PHE B 351 14.12 -7.21 7.05
CA PHE B 351 13.89 -7.95 8.29
C PHE B 351 12.64 -7.46 9.03
N VAL B 352 12.21 -6.22 8.80
CA VAL B 352 10.94 -5.75 9.33
C VAL B 352 9.80 -6.56 8.73
N GLY B 353 9.92 -6.94 7.46
CA GLY B 353 8.86 -7.69 6.83
C GLY B 353 8.52 -9.00 7.53
N GLY B 354 9.47 -9.56 8.27
CA GLY B 354 9.29 -10.83 8.94
C GLY B 354 8.69 -10.78 10.32
N LEU B 355 8.27 -9.61 10.80
CA LEU B 355 7.76 -9.47 12.15
C LEU B 355 6.37 -10.07 12.32
N PRO B 356 5.46 -9.88 11.34
CA PRO B 356 4.14 -10.52 11.47
C PRO B 356 4.22 -12.03 11.62
N LEU B 357 5.14 -12.68 10.91
CA LEU B 357 5.34 -14.11 11.08
C LEU B 357 5.74 -14.44 12.51
N ALA B 358 6.72 -13.72 13.04
CA ALA B 358 7.18 -13.96 14.41
C ALA B 358 6.04 -13.80 15.40
N TYR B 359 5.20 -12.77 15.20
CA TYR B 359 4.11 -12.55 16.15
C TYR B 359 3.00 -13.57 15.99
N GLN B 360 2.80 -14.10 14.78
CA GLN B 360 1.90 -15.23 14.62
C GLN B 360 2.41 -16.45 15.38
N GLN B 361 3.71 -16.70 15.33
CA GLN B 361 4.25 -17.91 15.95
C GLN B 361 4.24 -17.83 17.47
N THR B 362 4.28 -16.63 18.04
CA THR B 362 4.29 -16.46 19.49
C THR B 362 2.89 -16.43 20.10
N SER B 363 1.84 -16.50 19.29
CA SER B 363 0.48 -16.61 19.78
C SER B 363 -0.16 -17.96 19.48
N ALA B 364 0.50 -18.81 18.69
CA ALA B 364 -0.04 -20.12 18.39
C ALA B 364 0.08 -21.06 19.59
N PHE B 365 -0.61 -22.18 19.51
CA PHE B 365 -0.61 -23.15 20.60
C PHE B 365 0.70 -23.95 20.59
N ALA B 366 1.23 -24.20 21.79
CA ALA B 366 2.49 -24.92 21.97
C ALA B 366 2.25 -26.12 22.87
N ARG B 367 2.43 -27.33 22.31
CA ARG B 367 2.35 -28.53 23.13
C ARG B 367 3.50 -28.58 24.13
N GLN B 368 4.72 -28.25 23.68
CA GLN B 368 5.89 -28.27 24.53
C GLN B 368 6.33 -26.85 24.86
N PRO B 369 6.81 -26.59 26.08
CA PRO B 369 7.32 -25.25 26.40
C PRO B 369 8.51 -24.84 25.54
N ARG B 370 9.35 -25.80 25.12
CA ARG B 370 10.51 -25.46 24.31
C ARG B 370 10.11 -24.83 22.99
N ASP B 371 8.96 -25.22 22.44
CA ASP B 371 8.48 -24.56 21.22
C ASP B 371 8.21 -23.08 21.49
N GLU B 372 7.53 -22.78 22.60
CA GLU B 372 7.33 -21.39 22.99
C GLU B 372 8.65 -20.66 23.12
N LEU B 373 9.62 -21.30 23.77
CA LEU B 373 10.92 -20.67 23.98
C LEU B 373 11.62 -20.37 22.66
N GLU B 374 11.61 -21.32 21.73
CA GLU B 374 12.25 -21.13 20.43
C GLU B 374 11.54 -20.10 19.58
N ARG B 375 10.20 -20.05 19.62
CA ARG B 375 9.49 -18.99 18.92
C ARG B 375 9.85 -17.63 19.50
N VAL B 376 9.99 -17.53 20.82
CA VAL B 376 10.42 -16.28 21.43
C VAL B 376 11.83 -15.91 20.97
N ARG B 377 12.72 -16.90 20.91
CA ARG B 377 14.07 -16.66 20.38
C ARG B 377 14.00 -16.07 18.98
N VAL B 378 13.19 -16.69 18.12
CA VAL B 378 13.10 -16.24 16.73
C VAL B 378 12.55 -14.83 16.66
N SER B 379 11.51 -14.55 17.45
CA SER B 379 10.92 -13.22 17.44
C SER B 379 11.93 -12.16 17.86
N CYS B 380 12.65 -12.43 18.96
CA CYS B 380 13.65 -11.49 19.42
C CYS B 380 14.75 -11.30 18.39
N THR B 381 15.16 -12.39 17.72
CA THR B 381 16.18 -12.28 16.70
C THR B 381 15.72 -11.41 15.54
N ILE B 382 14.47 -11.58 15.10
CA ILE B 382 13.96 -10.76 13.99
C ILE B 382 13.90 -9.30 14.40
N ILE B 383 13.42 -9.01 15.61
CA ILE B 383 13.36 -7.63 16.08
C ILE B 383 14.77 -7.03 16.13
N PHE B 384 15.72 -7.79 16.67
CA PHE B 384 17.10 -7.31 16.76
C PHE B 384 17.68 -7.03 15.38
N LEU B 385 17.43 -7.92 14.43
CA LEU B 385 17.96 -7.71 13.08
C LEU B 385 17.33 -6.49 12.45
N ALA B 386 16.03 -6.28 12.65
CA ALA B 386 15.37 -5.12 12.07
C ALA B 386 15.88 -3.81 12.68
N SER B 387 16.20 -3.81 13.96
CA SER B 387 16.58 -2.58 14.66
C SER B 387 18.06 -2.27 14.63
N ILE B 388 18.93 -3.29 14.64
CA ILE B 388 20.36 -3.07 14.64
C ILE B 388 20.81 -2.38 13.37
N PHE B 389 20.11 -2.58 12.26
CA PHE B 389 20.49 -1.91 11.02
C PHE B 389 20.05 -0.44 11.01
N GLN B 390 18.95 -0.10 11.69
CA GLN B 390 18.65 1.30 11.92
C GLN B 390 19.73 1.96 12.77
N LEU B 391 20.16 1.27 13.83
CA LEU B 391 21.25 1.80 14.63
C LEU B 391 22.55 1.92 13.82
N ALA B 392 22.81 0.97 12.93
CA ALA B 392 23.99 1.05 12.07
C ALA B 392 23.87 2.21 11.09
N MET B 393 22.67 2.46 10.58
CA MET B 393 22.43 3.66 9.77
C MET B 393 22.84 4.91 10.53
N TRP B 394 22.36 5.03 11.77
CA TRP B 394 22.69 6.19 12.59
C TRP B 394 24.19 6.30 12.84
N THR B 395 24.83 5.18 13.18
CA THR B 395 26.26 5.20 13.49
C THR B 395 27.08 5.54 12.25
N THR B 396 26.71 4.98 11.10
CA THR B 396 27.40 5.30 9.85
C THR B 396 27.23 6.77 9.48
N ALA B 397 26.03 7.32 9.70
CA ALA B 397 25.84 8.75 9.47
C ALA B 397 26.71 9.58 10.40
N LEU B 398 26.91 9.12 11.64
CA LEU B 398 27.78 9.83 12.57
C LEU B 398 29.22 9.90 12.09
N LEU B 399 29.63 9.02 11.16
CA LEU B 399 30.98 9.10 10.63
C LEU B 399 31.21 10.39 9.86
N HIS B 400 30.16 10.94 9.27
CA HIS B 400 30.23 12.16 8.46
C HIS B 400 29.11 13.12 8.85
N GLN B 401 28.95 13.33 10.15
CA GLN B 401 27.86 14.16 10.68
C GLN B 401 27.85 15.53 10.03
N ALA B 402 29.03 16.07 9.73
CA ALA B 402 29.12 17.38 9.10
C ALA B 402 28.35 17.43 7.80
N GLU B 403 28.35 16.34 7.03
CA GLU B 403 27.68 16.30 5.74
C GLU B 403 26.32 15.62 5.78
N THR B 404 26.07 14.76 6.76
CA THR B 404 24.88 13.92 6.76
C THR B 404 23.86 14.25 7.85
N LEU B 405 24.25 14.96 8.89
CA LEU B 405 23.40 15.15 10.05
C LEU B 405 23.30 16.62 10.42
N GLN B 406 22.16 16.99 11.00
CA GLN B 406 22.00 18.33 11.55
C GLN B 406 22.84 18.47 12.82
N PRO B 407 23.22 19.71 13.18
CA PRO B 407 24.03 19.90 14.39
C PRO B 407 23.38 19.35 15.65
N SER B 408 22.05 19.32 15.71
CA SER B 408 21.38 18.90 16.94
C SER B 408 21.79 17.50 17.36
N VAL B 409 22.02 16.62 16.39
CA VAL B 409 22.35 15.22 16.67
C VAL B 409 23.85 14.95 16.54
N TRP B 410 24.66 15.98 16.34
CA TRP B 410 26.10 15.80 16.38
C TRP B 410 26.55 15.38 17.77
N PHE B 411 27.77 14.87 17.86
CA PHE B 411 28.36 14.59 19.16
C PHE B 411 28.42 15.87 19.99
N GLY B 412 27.88 15.79 21.20
CA GLY B 412 27.76 16.96 22.05
C GLY B 412 26.52 17.79 21.80
N GLY B 413 25.67 17.39 20.86
CA GLY B 413 24.46 18.13 20.58
C GLY B 413 23.33 17.81 21.56
N ARG B 414 22.26 18.58 21.43
CA ARG B 414 21.13 18.44 22.35
C ARG B 414 20.46 17.08 22.21
N GLU B 415 20.25 16.63 20.97
CA GLU B 415 19.43 15.45 20.69
C GLU B 415 20.26 14.21 20.39
N HIS B 416 21.58 14.27 20.59
CA HIS B 416 22.43 13.12 20.28
C HIS B 416 22.08 11.93 21.17
N VAL B 417 22.06 12.14 22.48
CA VAL B 417 21.82 11.04 23.41
C VAL B 417 20.40 10.50 23.26
N LEU B 418 19.42 11.40 23.10
CA LEU B 418 18.05 10.94 22.94
C LEU B 418 17.89 10.12 21.67
N MET B 419 18.52 10.54 20.57
CA MET B 419 18.45 9.78 19.33
C MET B 419 19.11 8.41 19.50
N PHE B 420 20.26 8.37 20.17
CA PHE B 420 20.92 7.09 20.40
C PHE B 420 20.04 6.16 21.23
N ALA B 421 19.42 6.69 22.28
CA ALA B 421 18.53 5.87 23.10
C ALA B 421 17.34 5.37 22.29
N LYS B 422 16.76 6.25 21.47
CA LYS B 422 15.61 5.86 20.67
C LYS B 422 15.96 4.74 19.71
N LEU B 423 17.14 4.80 19.08
CA LEU B 423 17.52 3.80 18.11
C LEU B 423 18.15 2.57 18.74
N ALA B 424 18.55 2.62 20.01
CA ALA B 424 19.14 1.47 20.69
C ALA B 424 18.19 0.80 21.67
N LEU B 425 16.98 1.34 21.86
CA LEU B 425 16.03 0.72 22.77
C LEU B 425 15.68 -0.70 22.33
N TYR B 426 15.07 -0.84 21.15
CA TYR B 426 14.62 -2.16 20.73
C TYR B 426 15.74 -3.19 20.64
N PRO B 427 16.91 -2.87 20.08
CA PRO B 427 18.00 -3.87 20.09
C PRO B 427 18.37 -4.34 21.47
N CYS B 428 18.48 -3.42 22.44
CA CYS B 428 18.84 -3.81 23.80
C CYS B 428 17.75 -4.69 24.42
N ALA B 429 16.49 -4.34 24.21
CA ALA B 429 15.40 -5.15 24.75
C ALA B 429 15.38 -6.55 24.15
N SER B 430 15.57 -6.64 22.82
CA SER B 430 15.61 -7.94 22.18
C SER B 430 16.78 -8.76 22.70
N LEU B 431 17.95 -8.14 22.87
CA LEU B 431 19.10 -8.85 23.39
C LEU B 431 18.85 -9.34 24.82
N LEU B 432 18.23 -8.50 25.64
CA LEU B 432 17.94 -8.88 27.02
C LEU B 432 16.98 -10.06 27.05
N ALA B 433 15.92 -10.02 26.25
CA ALA B 433 14.99 -11.15 26.19
C ALA B 433 15.67 -12.41 25.69
N PHE B 434 16.52 -12.28 24.67
CA PHE B 434 17.22 -13.45 24.13
C PHE B 434 18.15 -14.06 25.18
N ALA B 435 18.85 -13.21 25.94
CA ALA B 435 19.70 -13.72 27.01
C ALA B 435 18.88 -14.37 28.11
N SER B 436 17.72 -13.80 28.44
CA SER B 436 16.85 -14.39 29.44
C SER B 436 16.39 -15.78 29.01
N THR B 437 16.06 -15.94 27.73
CA THR B 437 15.62 -17.25 27.26
C THR B 437 16.65 -18.33 27.54
N CYS B 438 17.94 -17.96 27.58
CA CYS B 438 19.00 -18.92 27.87
C CYS B 438 19.33 -19.02 29.34
N LEU B 439 19.19 -17.92 30.10
CA LEU B 439 19.56 -17.89 31.51
C LEU B 439 18.38 -17.90 32.46
N LEU B 440 17.21 -17.46 32.01
CA LEU B 440 16.00 -17.41 32.82
C LEU B 440 14.82 -18.00 32.04
N SER B 441 15.05 -19.20 31.51
CA SER B 441 14.07 -19.84 30.61
C SER B 441 12.68 -19.85 31.22
N ARG B 442 12.57 -20.23 32.50
CA ARG B 442 11.26 -20.39 33.11
C ARG B 442 10.47 -19.09 33.11
N PHE B 443 11.16 -17.95 33.13
CA PHE B 443 10.51 -16.64 33.12
C PHE B 443 10.60 -15.93 31.78
N SER B 444 11.18 -16.57 30.76
CA SER B 444 11.53 -15.88 29.53
C SER B 444 10.28 -15.40 28.78
N VAL B 445 9.24 -16.21 28.73
CA VAL B 445 8.03 -15.84 28.00
C VAL B 445 7.36 -14.64 28.67
N GLY B 446 7.28 -14.67 30.00
CA GLY B 446 6.74 -13.54 30.73
C GLY B 446 7.57 -12.29 30.52
N ILE B 447 8.89 -12.44 30.49
CA ILE B 447 9.77 -11.30 30.23
C ILE B 447 9.51 -10.74 28.84
N PHE B 448 9.27 -11.64 27.87
CA PHE B 448 8.97 -11.20 26.51
C PHE B 448 7.69 -10.36 26.48
N HIS B 449 6.64 -10.83 27.13
CA HIS B 449 5.39 -10.07 27.15
C HIS B 449 5.56 -8.75 27.90
N LEU B 450 6.30 -8.78 29.02
CA LEU B 450 6.57 -7.56 29.77
C LEU B 450 7.33 -6.56 28.92
N MET B 451 8.25 -7.05 28.07
CA MET B 451 8.97 -6.16 27.17
C MET B 451 8.03 -5.58 26.11
N GLN B 452 7.14 -6.43 25.56
CA GLN B 452 6.17 -5.93 24.59
C GLN B 452 5.32 -4.82 25.18
N ILE B 453 5.04 -4.85 26.48
CA ILE B 453 4.30 -3.76 27.13
C ILE B 453 5.23 -2.58 27.42
N ALA B 454 6.46 -2.86 27.85
CA ALA B 454 7.32 -1.82 28.39
C ALA B 454 7.87 -0.92 27.29
N VAL B 455 8.33 -1.50 26.18
CA VAL B 455 9.01 -0.72 25.16
C VAL B 455 8.16 0.46 24.68
N PRO B 456 6.88 0.28 24.37
CA PRO B 456 6.05 1.45 24.04
C PRO B 456 6.02 2.49 25.14
N CYS B 457 5.95 2.06 26.41
CA CYS B 457 5.96 3.01 27.52
C CYS B 457 7.29 3.74 27.60
N ALA B 458 8.40 3.04 27.35
CA ALA B 458 9.70 3.70 27.34
C ALA B 458 9.79 4.73 26.23
N PHE B 459 9.29 4.40 25.04
CA PHE B 459 9.24 5.39 23.98
C PHE B 459 8.39 6.59 24.39
N LEU B 460 7.30 6.34 25.12
CA LEU B 460 6.44 7.42 25.56
C LEU B 460 7.15 8.35 26.55
N LEU B 461 7.94 7.78 27.46
CA LEU B 461 8.62 8.54 28.51
C LEU B 461 10.13 8.58 28.28
N LEU B 462 10.57 8.51 27.02
CA LEU B 462 11.99 8.40 26.74
C LEU B 462 12.76 9.64 27.20
N ARG B 463 12.20 10.82 26.98
CA ARG B 463 12.92 12.04 27.31
C ARG B 463 13.17 12.14 28.82
N LEU B 464 12.14 11.88 29.62
CA LEU B 464 12.29 11.96 31.08
C LEU B 464 13.29 10.90 31.56
N LEU B 465 13.21 9.69 31.03
CA LEU B 465 14.14 8.64 31.43
C LEU B 465 15.57 9.01 31.07
N VAL B 466 15.78 9.59 29.89
CA VAL B 466 17.11 10.01 29.47
C VAL B 466 17.64 11.09 30.41
N GLY B 467 16.81 12.07 30.73
CA GLY B 467 17.22 13.11 31.66
C GLY B 467 17.56 12.55 33.03
N LEU B 468 16.75 11.62 33.52
CA LEU B 468 17.00 11.01 34.82
C LEU B 468 18.33 10.26 34.82
N ALA B 469 18.58 9.47 33.77
CA ALA B 469 19.83 8.73 33.69
C ALA B 469 21.02 9.67 33.61
N LEU B 470 20.91 10.74 32.82
CA LEU B 470 22.00 11.70 32.71
C LEU B 470 22.30 12.35 34.05
N ALA B 471 21.26 12.77 34.77
CA ALA B 471 21.47 13.38 36.08
C ALA B 471 22.07 12.38 37.06
N THR B 472 21.59 11.13 37.03
CA THR B 472 22.12 10.12 37.93
C THR B 472 23.60 9.87 37.69
N LEU B 473 24.01 9.79 36.42
CA LEU B 473 25.43 9.62 36.12
C LEU B 473 26.22 10.89 36.44
N ARG B 474 25.58 12.05 36.32
CA ARG B 474 26.25 13.30 36.67
C ARG B 474 26.61 13.34 38.15
N VAL B 475 25.64 12.99 39.00
CA VAL B 475 25.91 12.97 40.44
C VAL B 475 26.90 11.85 40.78
N LEU B 476 26.77 10.71 40.12
CA LEU B 476 27.67 9.59 40.35
C LEU B 476 29.03 9.84 39.72
K K C . 2.67 11.28 -0.22
K K D . 0.26 4.56 -0.48
K K E . -3.67 -5.90 -0.34
K K F . -0.84 -2.25 0.03
K K G . 0.11 0.33 0.00
K K H . 5.33 10.29 -0.08
K K I . 2.78 3.63 0.36
K K J . -1.06 -6.86 0.52
#